data_3CCO
# 
_entry.id   3CCO 
# 
_audit_conform.dict_name       mmcif_pdbx.dic 
_audit_conform.dict_version    5.380 
_audit_conform.dict_location   http://mmcif.pdb.org/dictionaries/ascii/mmcif_pdbx.dic 
# 
loop_
_database_2.database_id 
_database_2.database_code 
_database_2.pdbx_database_accession 
_database_2.pdbx_DOI 
PDB   3CCO         pdb_00003cco 10.2210/pdb3cco/pdb 
NDB   DD0091       ?            ?                   
RCSB  RCSB046616   ?            ?                   
WWPDB D_1000046616 ?            ?                   
# 
_pdbx_database_related.db_name        PDB 
_pdbx_database_related.db_id          3CDM 
_pdbx_database_related.details        'Human Telomeric Sequence bound to same ligand' 
_pdbx_database_related.content_type   unspecified 
# 
_pdbx_database_status.status_code                     REL 
_pdbx_database_status.entry_id                        3CCO 
_pdbx_database_status.recvd_initial_deposition_date   2008-02-26 
_pdbx_database_status.deposit_site                    RCSB 
_pdbx_database_status.process_site                    PDBJ 
_pdbx_database_status.status_code_sf                  REL 
_pdbx_database_status.status_code_mr                  ? 
_pdbx_database_status.SG_entry                        ? 
_pdbx_database_status.pdb_format_compatible           Y 
_pdbx_database_status.status_code_cs                  ? 
_pdbx_database_status.status_code_nmr_data            ? 
_pdbx_database_status.methods_development_category    ? 
# 
loop_
_audit_author.name 
_audit_author.pdbx_ordinal 
'Parkinson, G.N.' 1 
'Neidle, S.'      2 
# 
_citation.id                        primary 
_citation.title                     
;Topology conservation and loop flexibility in quadruplex-drug recognition: crystal structures of inter- and intramolecular telomeric DNA quadruplex-drug complexes
;
_citation.journal_abbrev            J.Mol.Biol. 
_citation.journal_volume            381 
_citation.page_first                1145 
_citation.page_last                 1156 
_citation.year                      2008 
_citation.journal_id_ASTM           JMOBAK 
_citation.country                   UK 
_citation.journal_id_ISSN           0022-2836 
_citation.journal_id_CSD            0070 
_citation.book_publisher            ? 
_citation.pdbx_database_id_PubMed   18619463 
_citation.pdbx_database_id_DOI      10.1016/j.jmb.2008.06.022 
# 
loop_
_citation_author.citation_id 
_citation_author.name 
_citation_author.ordinal 
_citation_author.identifier_ORCID 
primary 'Parkinson, G.N.' 1 ? 
primary 'Cuenca, F.'      2 ? 
primary 'Neidle, S.'      3 ? 
# 
_cell.entry_id           3CCO 
_cell.length_a           61.350 
_cell.length_b           61.350 
_cell.length_c           43.630 
_cell.angle_alpha        90.00 
_cell.angle_beta         90.00 
_cell.angle_gamma        120.00 
_cell.Z_PDB              12 
_cell.pdbx_unique_axis   ? 
_cell.length_a_esd       ? 
_cell.length_b_esd       ? 
_cell.length_c_esd       ? 
_cell.angle_alpha_esd    ? 
_cell.angle_beta_esd     ? 
_cell.angle_gamma_esd    ? 
# 
_symmetry.entry_id                         3CCO 
_symmetry.space_group_name_H-M             'P 64 2 2' 
_symmetry.pdbx_full_space_group_name_H-M   ? 
_symmetry.cell_setting                     ? 
_symmetry.Int_Tables_number                181 
_symmetry.space_group_name_Hall            ? 
# 
loop_
_entity.id 
_entity.type 
_entity.src_method 
_entity.pdbx_description 
_entity.formula_weight 
_entity.pdbx_number_of_molecules 
_entity.pdbx_ec 
_entity.pdbx_mutation 
_entity.pdbx_fragment 
_entity.details 
1 polymer     syn 
;DNA (5'-D(*DTP*DAP*DGP*DGP*DGP*DTP*DTP*DAP*DGP*DGP*DGP*DT)-3')
;
3773.462 1  ? ? ? ? 
2 non-polymer syn 'SODIUM ION' 22.990   1  ? ? ? ? 
3 non-polymer syn 'POTASSIUM ION' 39.098   3  ? ? ? ? 
4 non-polymer syn 
'2,7-bis[3-(dimethylamino)propyl]-4,9-bis[(3-hydroxypropyl)amino]benzo[lmn][3,8]phenanthroline-1,3,6,8(2H,7H)-tetrone' 582.691  3  
? ? ? ? 
5 water       nat water 18.015   28 ? ? ? ? 
# 
_entity_name_com.entity_id   1 
_entity_name_com.name        'TELOMERE REPEAT SEQUENCE' 
# 
_entity_poly.entity_id                      1 
_entity_poly.type                           polydeoxyribonucleotide 
_entity_poly.nstd_linkage                   no 
_entity_poly.nstd_monomer                   no 
_entity_poly.pdbx_seq_one_letter_code       '(DT)(DA)(DG)(DG)(DG)(DT)(DT)(DA)(DG)(DG)(DG)(DT)' 
_entity_poly.pdbx_seq_one_letter_code_can   TAGGGTTAGGGT 
_entity_poly.pdbx_strand_id                 A 
_entity_poly.pdbx_target_identifier         ? 
# 
loop_
_entity_poly_seq.entity_id 
_entity_poly_seq.num 
_entity_poly_seq.mon_id 
_entity_poly_seq.hetero 
1 1  DT n 
1 2  DA n 
1 3  DG n 
1 4  DG n 
1 5  DG n 
1 6  DT n 
1 7  DT n 
1 8  DA n 
1 9  DG n 
1 10 DG n 
1 11 DG n 
1 12 DT n 
# 
_pdbx_entity_src_syn.entity_id              1 
_pdbx_entity_src_syn.pdbx_src_id            1 
_pdbx_entity_src_syn.pdbx_alt_source_flag   sample 
_pdbx_entity_src_syn.pdbx_beg_seq_num       ? 
_pdbx_entity_src_syn.pdbx_end_seq_num       ? 
_pdbx_entity_src_syn.organism_scientific    ? 
_pdbx_entity_src_syn.organism_common_name   ? 
_pdbx_entity_src_syn.ncbi_taxonomy_id       ? 
_pdbx_entity_src_syn.details                'THIS SEQUENCE OCCURS NATURALLY IN HUMANS' 
# 
_struct_ref.id                         1 
_struct_ref.db_name                    PDB 
_struct_ref.db_code                    3CCO 
_struct_ref.pdbx_db_accession          3CCO 
_struct_ref.entity_id                  1 
_struct_ref.pdbx_seq_one_letter_code   TAGGGTTAGGGT 
_struct_ref.pdbx_align_begin           1 
_struct_ref.pdbx_db_isoform            ? 
# 
_struct_ref_seq.align_id                      1 
_struct_ref_seq.ref_id                        1 
_struct_ref_seq.pdbx_PDB_id_code              3CCO 
_struct_ref_seq.pdbx_strand_id                A 
_struct_ref_seq.seq_align_beg                 1 
_struct_ref_seq.pdbx_seq_align_beg_ins_code   ? 
_struct_ref_seq.seq_align_end                 12 
_struct_ref_seq.pdbx_seq_align_end_ins_code   ? 
_struct_ref_seq.pdbx_db_accession             3CCO 
_struct_ref_seq.db_align_beg                  1001 
_struct_ref_seq.pdbx_db_align_beg_ins_code    ? 
_struct_ref_seq.db_align_end                  1012 
_struct_ref_seq.pdbx_db_align_end_ins_code    ? 
_struct_ref_seq.pdbx_auth_seq_align_beg       1001 
_struct_ref_seq.pdbx_auth_seq_align_end       1012 
# 
loop_
_chem_comp.id 
_chem_comp.type 
_chem_comp.mon_nstd_flag 
_chem_comp.name 
_chem_comp.pdbx_synonyms 
_chem_comp.formula 
_chem_comp.formula_weight 
DA  'DNA linking' y "2'-DEOXYADENOSINE-5'-MONOPHOSPHATE" ? 'C10 H14 N5 O6 P' 331.222 
DG  'DNA linking' y "2'-DEOXYGUANOSINE-5'-MONOPHOSPHATE" ? 'C10 H14 N5 O7 P' 347.221 
DT  'DNA linking' y "THYMIDINE-5'-MONOPHOSPHATE" ? 'C10 H15 N2 O8 P' 322.208 
HOH non-polymer   . WATER ? 'H2 O'            18.015  
K   non-polymer   . 'POTASSIUM ION' ? 'K 1'             39.098  
NA  non-polymer   . 'SODIUM ION' ? 'Na 1'            22.990  
NII non-polymer   . 
'2,7-bis[3-(dimethylamino)propyl]-4,9-bis[(3-hydroxypropyl)amino]benzo[lmn][3,8]phenanthroline-1,3,6,8(2H,7H)-tetrone' ? 
'C30 H42 N6 O6'   582.691 
# 
_exptl.entry_id          3CCO 
_exptl.method            'X-RAY DIFFRACTION' 
_exptl.crystals_number   2 
# 
_exptl_crystal.id                    1 
_exptl_crystal.density_meas          ? 
_exptl_crystal.density_Matthews      3.14 
_exptl_crystal.density_percent_sol   60.84 
_exptl_crystal.description           ? 
_exptl_crystal.F_000                 ? 
_exptl_crystal.preparation           ? 
# 
_exptl_crystal_grow.crystal_id      1 
_exptl_crystal_grow.method          'VAPOR DIFFUSION, HANGING DROP' 
_exptl_crystal_grow.temp            283 
_exptl_crystal_grow.temp_details    ? 
_exptl_crystal_grow.pH              6.5 
_exptl_crystal_grow.pdbx_details    
'300mM sodium chloride, 50mM sodium cacodylate pH 6.5, 30% v/v MPD, VAPOR DIFFUSION, HANGING DROP, temperature 283K' 
_exptl_crystal_grow.pdbx_pH_range   . 
# 
loop_
_exptl_crystal_grow_comp.crystal_id 
_exptl_crystal_grow_comp.id 
_exptl_crystal_grow_comp.sol_id 
_exptl_crystal_grow_comp.name 
_exptl_crystal_grow_comp.volume 
_exptl_crystal_grow_comp.conc 
_exptl_crystal_grow_comp.details 
1 1 1 'sodium chloride'   ? ? ? 
1 2 1 'sodium cacodylate' ? ? ? 
1 3 1 MPD                 ? ? ? 
1 4 1 HOH                 ? ? ? 
1 5 2 'sodium chloride'   ? ? ? 
1 6 2 'sodium cacodylate' ? ? ? 
1 7 2 MPD                 ? ? ? 
1 8 2 HOH                 ? ? ? 
# 
_diffrn.id                     1 
_diffrn.ambient_temp           100 
_diffrn.ambient_temp_details   ? 
_diffrn.crystal_id             1 
# 
_diffrn_detector.diffrn_id              1 
_diffrn_detector.detector               CCD 
_diffrn_detector.type                   'ADSC QUANTUM 210' 
_diffrn_detector.pdbx_collection_date   2007-10-07 
_diffrn_detector.details                MONOCHROMATOR 
# 
_diffrn_radiation.diffrn_id                        1 
_diffrn_radiation.wavelength_id                    1 
_diffrn_radiation.pdbx_monochromatic_or_laue_m_l   M 
_diffrn_radiation.monochromator                    'Si 111 CHANNEL' 
_diffrn_radiation.pdbx_diffrn_protocol             'SINGLE WAVELENGTH' 
_diffrn_radiation.pdbx_scattering_type             x-ray 
# 
_diffrn_radiation_wavelength.id           1 
_diffrn_radiation_wavelength.wavelength   0.9785 
_diffrn_radiation_wavelength.wt           1.0 
# 
_diffrn_source.diffrn_id                   1 
_diffrn_source.source                      SYNCHROTRON 
_diffrn_source.type                        'ESRF BEAMLINE ID14-1' 
_diffrn_source.pdbx_synchrotron_site       ESRF 
_diffrn_source.pdbx_synchrotron_beamline   ID14-1 
_diffrn_source.pdbx_wavelength             ? 
_diffrn_source.pdbx_wavelength_list        0.9785 
# 
_reflns.entry_id                     3CCO 
_reflns.observed_criterion_sigma_F   ? 
_reflns.observed_criterion_sigma_I   0.0 
_reflns.d_resolution_high            1.97 
_reflns.d_resolution_low             22.69 
_reflns.number_all                   3739 
_reflns.number_obs                   3697 
_reflns.percent_possible_obs         98.9 
_reflns.pdbx_Rmerge_I_obs            0.056 
_reflns.pdbx_Rsym_value              ? 
_reflns.pdbx_netI_over_sigmaI        23.3 
_reflns.B_iso_Wilson_estimate        33 
_reflns.pdbx_redundancy              10 
_reflns.R_free_details               ? 
_reflns.pdbx_chi_squared             ? 
_reflns.pdbx_scaling_rejects         ? 
_reflns.pdbx_diffrn_id               1 
_reflns.pdbx_ordinal                 1 
# 
_reflns_shell.d_res_high             1.97 
_reflns_shell.d_res_low              2.04 
_reflns_shell.percent_possible_all   100.0 
_reflns_shell.Rmerge_I_obs           0.134 
_reflns_shell.pdbx_Rsym_value        ? 
_reflns_shell.meanI_over_sigI_obs    10.8 
_reflns_shell.pdbx_redundancy        10.8 
_reflns_shell.percent_possible_obs   ? 
_reflns_shell.number_unique_all      359 
_reflns_shell.number_measured_all    ? 
_reflns_shell.number_measured_obs    ? 
_reflns_shell.number_unique_obs      ? 
_reflns_shell.pdbx_chi_squared       ? 
_reflns_shell.pdbx_diffrn_id         ? 
_reflns_shell.pdbx_ordinal           1 
# 
_refine.entry_id                                 3CCO 
_refine.ls_number_reflns_obs                     2520 
_refine.ls_number_reflns_all                     2520 
_refine.pdbx_ls_sigma_I                          ? 
_refine.pdbx_ls_sigma_F                          0.0 
_refine.pdbx_data_cutoff_high_absF               ? 
_refine.pdbx_data_cutoff_low_absF                ? 
_refine.pdbx_data_cutoff_high_rms_absF           ? 
_refine.ls_d_res_low                             10.00 
_refine.ls_d_res_high                            2.20 
_refine.ls_percent_reflns_obs                    98.80 
_refine.ls_R_factor_obs                          0.25664 
_refine.ls_R_factor_all                          0.25664 
_refine.ls_R_factor_R_work                       0.25436 
_refine.ls_R_factor_R_free                       0.30275 
_refine.ls_R_factor_R_free_error                 ? 
_refine.ls_R_factor_R_free_error_details         ? 
_refine.ls_percent_reflns_R_free                 4.7 
_refine.ls_number_reflns_R_free                  123 
_refine.ls_number_parameters                     ? 
_refine.ls_number_restraints                     ? 
_refine.occupancy_min                            ? 
_refine.occupancy_max                            ? 
_refine.correlation_coeff_Fo_to_Fc               0.917 
_refine.correlation_coeff_Fo_to_Fc_free          0.894 
_refine.B_iso_mean                               21.260 
_refine.aniso_B[1][1]                            1.39 
_refine.aniso_B[2][2]                            1.39 
_refine.aniso_B[3][3]                            -2.09 
_refine.aniso_B[1][2]                            0.70 
_refine.aniso_B[1][3]                            0.00 
_refine.aniso_B[2][3]                            0.00 
_refine.solvent_model_details                    MASK 
_refine.solvent_model_param_ksol                 ? 
_refine.solvent_model_param_bsol                 ? 
_refine.pdbx_solvent_vdw_probe_radii             1.40 
_refine.pdbx_solvent_ion_probe_radii             0.80 
_refine.pdbx_solvent_shrinkage_radii             0.80 
_refine.pdbx_ls_cross_valid_method               THROUGHOUT 
_refine.details                                  ? 
_refine.pdbx_starting_model                      'PDB ENTRY 1KF1' 
_refine.pdbx_method_to_determine_struct          'MOLECULAR REPLACEMENT' 
_refine.pdbx_isotropic_thermal_model             Overall 
_refine.pdbx_stereochemistry_target_values       'MAXIMUM LIKELIHOOD' 
_refine.pdbx_stereochem_target_val_spec_case     ? 
_refine.pdbx_R_Free_selection_details            RANDOM 
_refine.pdbx_overall_ESU_R                       0.348 
_refine.pdbx_overall_ESU_R_Free                  0.263 
_refine.overall_SU_ML                            0.167 
_refine.overall_SU_B                             6.344 
_refine.ls_redundancy_reflns_obs                 ? 
_refine.overall_SU_R_Cruickshank_DPI             ? 
_refine.overall_SU_R_free                        ? 
_refine.ls_wR_factor_R_free                      ? 
_refine.ls_wR_factor_R_work                      ? 
_refine.overall_FOM_free_R_set                   ? 
_refine.overall_FOM_work_R_set                   ? 
_refine.pdbx_overall_phase_error                 ? 
_refine.pdbx_refine_id                           'X-RAY DIFFRACTION' 
_refine.pdbx_diffrn_id                           1 
_refine.pdbx_TLS_residual_ADP_flag               ? 
_refine.pdbx_overall_SU_R_free_Cruickshank_DPI   ? 
_refine.pdbx_overall_SU_R_Blow_DPI               ? 
_refine.pdbx_overall_SU_R_free_Blow_DPI          ? 
# 
_refine_hist.pdbx_refine_id                   'X-RAY DIFFRACTION' 
_refine_hist.cycle_id                         LAST 
_refine_hist.pdbx_number_atoms_protein        0 
_refine_hist.pdbx_number_atoms_nucleic_acid   219 
_refine_hist.pdbx_number_atoms_ligand         130 
_refine_hist.number_atoms_solvent             28 
_refine_hist.number_atoms_total               377 
_refine_hist.d_res_high                       2.20 
_refine_hist.d_res_low                        10.00 
# 
loop_
_refine_ls_restr.type 
_refine_ls_restr.dev_ideal 
_refine_ls_restr.dev_ideal_target 
_refine_ls_restr.weight 
_refine_ls_restr.number 
_refine_ls_restr.pdbx_refine_id 
_refine_ls_restr.pdbx_restraint_function 
r_bond_refined_d             0.019 0.021 ? 381 'X-RAY DIFFRACTION' ? 
r_bond_other_d               ?     ?     ? ?   'X-RAY DIFFRACTION' ? 
r_angle_refined_deg          3.306 3.000 ? 574 'X-RAY DIFFRACTION' ? 
r_angle_other_deg            ?     ?     ? ?   'X-RAY DIFFRACTION' ? 
r_dihedral_angle_1_deg       ?     ?     ? ?   'X-RAY DIFFRACTION' ? 
r_dihedral_angle_2_deg       ?     ?     ? ?   'X-RAY DIFFRACTION' ? 
r_dihedral_angle_3_deg       ?     ?     ? ?   'X-RAY DIFFRACTION' ? 
r_dihedral_angle_4_deg       ?     ?     ? ?   'X-RAY DIFFRACTION' ? 
r_chiral_restr               0.138 0.200 ? 47  'X-RAY DIFFRACTION' ? 
r_gen_planes_refined         0.019 0.020 ? 190 'X-RAY DIFFRACTION' ? 
r_gen_planes_other           ?     ?     ? ?   'X-RAY DIFFRACTION' ? 
r_nbd_refined                0.394 0.200 ? 108 'X-RAY DIFFRACTION' ? 
r_nbd_other                  ?     ?     ? ?   'X-RAY DIFFRACTION' ? 
r_nbtor_refined              0.353 0.200 ? 228 'X-RAY DIFFRACTION' ? 
r_nbtor_other                ?     ?     ? ?   'X-RAY DIFFRACTION' ? 
r_xyhbond_nbd_refined        0.318 0.200 ? 15  'X-RAY DIFFRACTION' ? 
r_xyhbond_nbd_other          ?     ?     ? ?   'X-RAY DIFFRACTION' ? 
r_metal_ion_refined          0.232 0.200 ? 3   'X-RAY DIFFRACTION' ? 
r_metal_ion_other            ?     ?     ? ?   'X-RAY DIFFRACTION' ? 
r_symmetry_vdw_refined       0.397 0.200 ? 66  'X-RAY DIFFRACTION' ? 
r_symmetry_vdw_other         ?     ?     ? ?   'X-RAY DIFFRACTION' ? 
r_symmetry_hbond_refined     0.179 0.200 ? 8   'X-RAY DIFFRACTION' ? 
r_symmetry_hbond_other       ?     ?     ? ?   'X-RAY DIFFRACTION' ? 
r_symmetry_metal_ion_refined 0.101 0.200 ? 3   'X-RAY DIFFRACTION' ? 
r_symmetry_metal_ion_other   ?     ?     ? ?   'X-RAY DIFFRACTION' ? 
r_mcbond_it                  ?     ?     ? ?   'X-RAY DIFFRACTION' ? 
r_mcbond_other               ?     ?     ? ?   'X-RAY DIFFRACTION' ? 
r_mcangle_it                 ?     ?     ? ?   'X-RAY DIFFRACTION' ? 
r_scbond_it                  1.920 3.000 ? 689 'X-RAY DIFFRACTION' ? 
r_scangle_it                 3.389 4.500 ? 574 'X-RAY DIFFRACTION' ? 
r_rigid_bond_restr           ?     ?     ? ?   'X-RAY DIFFRACTION' ? 
r_sphericity_free            ?     ?     ? ?   'X-RAY DIFFRACTION' ? 
r_sphericity_bonded          ?     ?     ? ?   'X-RAY DIFFRACTION' ? 
# 
_refine_ls_shell.pdbx_total_number_of_bins_used   20 
_refine_ls_shell.d_res_high                       2.200 
_refine_ls_shell.d_res_low                        2.255 
_refine_ls_shell.number_reflns_R_work             178 
_refine_ls_shell.R_factor_R_work                  0.324 
_refine_ls_shell.percent_reflns_obs               100.00 
_refine_ls_shell.R_factor_R_free                  0.567 
_refine_ls_shell.R_factor_R_free_error            ? 
_refine_ls_shell.percent_reflns_R_free            ? 
_refine_ls_shell.number_reflns_R_free             5 
_refine_ls_shell.number_reflns_all                ? 
_refine_ls_shell.R_factor_all                     ? 
_refine_ls_shell.number_reflns_obs                178 
_refine_ls_shell.redundancy_reflns_obs            ? 
_refine_ls_shell.pdbx_refine_id                   'X-RAY DIFFRACTION' 
# 
_struct.entry_id                  3CCO 
_struct.title                     'Structural adaptation and conservation in quadruplex-drug recognition' 
_struct.pdbx_model_details        ? 
_struct.pdbx_CASP_flag            ? 
_struct.pdbx_model_type_details   ? 
# 
_struct_keywords.entry_id        3CCO 
_struct_keywords.pdbx_keywords   DNA 
_struct_keywords.text            
'QUADRUPLEX, DNA, PROPELLER, DIMERIC, HUMAN TELOMERE PARALLEL STRANDED, LIGAND, COMPLEX, naphthalene diimidine' 
# 
loop_
_struct_asym.id 
_struct_asym.pdbx_blank_PDB_chainid_flag 
_struct_asym.pdbx_modified 
_struct_asym.entity_id 
_struct_asym.details 
A N N 1 ? 
B N N 2 ? 
C N N 3 ? 
D N N 3 ? 
E N N 3 ? 
F N N 4 ? 
G N N 4 ? 
H N N 4 ? 
I N N 5 ? 
# 
_struct_biol.id        1 
_struct_biol.details   ? 
# 
loop_
_struct_conn.id 
_struct_conn.conn_type_id 
_struct_conn.pdbx_leaving_atom_flag 
_struct_conn.pdbx_PDB_id 
_struct_conn.ptnr1_label_asym_id 
_struct_conn.ptnr1_label_comp_id 
_struct_conn.ptnr1_label_seq_id 
_struct_conn.ptnr1_label_atom_id 
_struct_conn.pdbx_ptnr1_label_alt_id 
_struct_conn.pdbx_ptnr1_PDB_ins_code 
_struct_conn.pdbx_ptnr1_standard_comp_id 
_struct_conn.ptnr1_symmetry 
_struct_conn.ptnr2_label_asym_id 
_struct_conn.ptnr2_label_comp_id 
_struct_conn.ptnr2_label_seq_id 
_struct_conn.ptnr2_label_atom_id 
_struct_conn.pdbx_ptnr2_label_alt_id 
_struct_conn.pdbx_ptnr2_PDB_ins_code 
_struct_conn.ptnr1_auth_asym_id 
_struct_conn.ptnr1_auth_comp_id 
_struct_conn.ptnr1_auth_seq_id 
_struct_conn.ptnr2_auth_asym_id 
_struct_conn.ptnr2_auth_comp_id 
_struct_conn.ptnr2_auth_seq_id 
_struct_conn.ptnr2_symmetry 
_struct_conn.pdbx_ptnr3_label_atom_id 
_struct_conn.pdbx_ptnr3_label_seq_id 
_struct_conn.pdbx_ptnr3_label_comp_id 
_struct_conn.pdbx_ptnr3_label_asym_id 
_struct_conn.pdbx_ptnr3_label_alt_id 
_struct_conn.pdbx_ptnr3_PDB_ins_code 
_struct_conn.details 
_struct_conn.pdbx_dist_value 
_struct_conn.pdbx_value_order 
_struct_conn.pdbx_role 
metalc1 metalc ? ? B NA . NA ? ? ? 1_555 A DG 11 "O4'" ? ? A NA 4    A DG 1011 1_555 ? ? ? ? ? ? ?            2.816 ? ? 
metalc2 metalc ? ? C K  . K  ? ? ? 1_555 A DG 4  O6    ? ? A K  30   A DG 1004 1_555 ? ? ? ? ? ? ?            2.937 ? ? 
metalc3 metalc ? ? C K  . K  ? ? ? 1_555 A DG 5  O6    ? ? A K  30   A DG 1005 1_555 ? ? ? ? ? ? ?            2.769 ? ? 
metalc4 metalc ? ? C K  . K  ? ? ? 1_555 A DG 11 O6    ? ? A K  30   A DG 1011 1_555 ? ? ? ? ? ? ?            2.658 ? ? 
metalc5 metalc ? ? D K  . K  ? ? ? 1_555 A DG 3  O6    ? ? A K  31   A DG 1003 1_555 ? ? ? ? ? ? ?            2.864 ? ? 
metalc6 metalc ? ? D K  . K  ? ? ? 1_555 A DG 9  O6    ? ? A K  31   A DG 1009 1_555 ? ? ? ? ? ? ?            2.963 ? ? 
metalc7 metalc ? ? E K  . K  ? ? ? 1_555 A DG 3  O6    ? ? A K  32   A DG 1003 1_555 ? ? ? ? ? ? ?            2.866 ? ? 
metalc8 metalc ? ? E K  . K  ? ? ? 1_555 A DG 9  O6    ? ? A K  32   A DG 1009 1_555 ? ? ? ? ? ? ?            2.899 ? ? 
hydrog1 hydrog ? ? A DG 3 N2 ? ? ? 1_555 A DA 8  N7    ? ? A DG 1003 A DA 1008 1_555 ? ? ? ? ? ? TYPE_11_PAIR ?     ? ? 
hydrog2 hydrog ? ? A DG 3 N3 ? ? ? 1_555 A DA 8  N6    ? ? A DG 1003 A DA 1008 1_555 ? ? ? ? ? ? TYPE_11_PAIR ?     ? ? 
hydrog3 hydrog ? ? A DG 3 N1 ? ? ? 1_555 A DG 9  O6    ? ? A DG 1003 A DG 1009 1_555 ? ? ? ? ? ? TYPE_6_PAIR  ?     ? ? 
hydrog4 hydrog ? ? A DG 3 N2 ? ? ? 1_555 A DG 9  N7    ? ? A DG 1003 A DG 1009 1_555 ? ? ? ? ? ? TYPE_6_PAIR  ?     ? ? 
hydrog5 hydrog ? ? A DG 4 N1 ? ? ? 1_555 A DG 10 O6    ? ? A DG 1004 A DG 1010 1_555 ? ? ? ? ? ? TYPE_6_PAIR  ?     ? ? 
hydrog6 hydrog ? ? A DG 4 N2 ? ? ? 1_555 A DG 10 N7    ? ? A DG 1004 A DG 1010 1_555 ? ? ? ? ? ? TYPE_6_PAIR  ?     ? ? 
hydrog7 hydrog ? ? A DG 5 N1 ? ? ? 1_555 A DG 11 O6    ? ? A DG 1005 A DG 1011 1_555 ? ? ? ? ? ? TYPE_6_PAIR  ?     ? ? 
hydrog8 hydrog ? ? A DG 5 N2 ? ? ? 1_555 A DG 11 N7    ? ? A DG 1005 A DG 1011 1_555 ? ? ? ? ? ? TYPE_6_PAIR  ?     ? ? 
# 
loop_
_struct_conn_type.id 
_struct_conn_type.criteria 
_struct_conn_type.reference 
metalc ? ? 
hydrog ? ? 
# 
loop_
_struct_site.id 
_struct_site.pdbx_evidence_code 
_struct_site.pdbx_auth_asym_id 
_struct_site.pdbx_auth_comp_id 
_struct_site.pdbx_auth_seq_id 
_struct_site.pdbx_auth_ins_code 
_struct_site.pdbx_num_residues 
_struct_site.details 
AC1 Software A NA  4  ? 4 'BINDING SITE FOR RESIDUE NA A 4'  
AC2 Software A K   30 ? 5 'BINDING SITE FOR RESIDUE K A 30'  
AC3 Software A K   31 ? 6 'BINDING SITE FOR RESIDUE K A 31'  
AC4 Software A K   32 ? 3 'BINDING SITE FOR RESIDUE K A 32'  
AC5 Software A NII 1  ? 3 'BINDING SITE FOR RESIDUE NII A 1' 
AC6 Software A NII 2  ? 4 'BINDING SITE FOR RESIDUE NII A 2' 
AC7 Software A NII 3  ? 1 'BINDING SITE FOR RESIDUE NII A 3' 
1   ?        ? ?   ?  ? ? ?                                  
# 
loop_
_struct_site_gen.id 
_struct_site_gen.site_id 
_struct_site_gen.pdbx_num_res 
_struct_site_gen.label_comp_id 
_struct_site_gen.label_asym_id 
_struct_site_gen.label_seq_id 
_struct_site_gen.pdbx_auth_ins_code 
_struct_site_gen.auth_comp_id 
_struct_site_gen.auth_asym_id 
_struct_site_gen.auth_seq_id 
_struct_site_gen.label_atom_id 
_struct_site_gen.label_alt_id 
_struct_site_gen.symmetry 
_struct_site_gen.details 
1  AC1 4 DG  A 11 ? DG  A 1011 . ? 1_555  ? 
2  AC1 4 HOH I .  ? HOH A 1013 . ? 12_564 ? 
3  AC1 4 HOH I .  ? HOH A 1015 . ? 12_564 ? 
4  AC1 4 HOH I .  ? HOH A 1020 . ? 1_555  ? 
5  AC2 5 K   D .  ? K   A 31   . ? 1_555  ? 
6  AC2 5 DG  A 4  ? DG  A 1004 . ? 12_564 ? 
7  AC2 5 DG  A 5  ? DG  A 1005 . ? 1_555  ? 
8  AC2 5 DG  A 10 ? DG  A 1010 . ? 1_555  ? 
9  AC2 5 DG  A 11 ? DG  A 1011 . ? 1_555  ? 
10 AC3 6 K   C .  ? K   A 30   . ? 1_555  ? 
11 AC3 6 K   E .  ? K   A 32   . ? 12_564 ? 
12 AC3 6 DG  A 3  ? DG  A 1003 . ? 12_564 ? 
13 AC3 6 DG  A 4  ? DG  A 1004 . ? 12_564 ? 
14 AC3 6 DG  A 9  ? DG  A 1009 . ? 12_564 ? 
15 AC3 6 DG  A 10 ? DG  A 1010 . ? 1_555  ? 
16 AC4 3 K   D .  ? K   A 31   . ? 1_555  ? 
17 AC4 3 DG  A 3  ? DG  A 1003 . ? 12_564 ? 
18 AC4 3 DG  A 9  ? DG  A 1009 . ? 1_555  ? 
19 AC5 3 DG  A 5  ? DG  A 1005 . ? 1_555  ? 
20 AC5 3 DT  A 6  ? DT  A 1006 . ? 11_455 ? 
21 AC5 3 DG  A 11 ? DG  A 1011 . ? 1_555  ? 
22 AC6 4 NII H .  ? NII A 3    . ? 12_565 ? 
23 AC6 4 DT  A 7  ? DT  A 1007 . ? 1_555  ? 
24 AC6 4 DG  A 9  ? DG  A 1009 . ? 4_565  ? 
25 AC6 4 HOH I .  ? HOH A 1016 . ? 4_565  ? 
26 AC7 1 NII G .  ? NII A 2    . ? 12_565 ? 
# 
_atom_sites.entry_id                    3CCO 
_atom_sites.fract_transf_matrix[1][1]   -0.01293778 
_atom_sites.fract_transf_matrix[1][2]   -0.00329383 
_atom_sites.fract_transf_matrix[1][3]   0.01326731 
_atom_sites.fract_transf_matrix[2][1]   0.00129152 
_atom_sites.fract_transf_matrix[2][2]   0.00853010 
_atom_sites.fract_transf_matrix[2][3]   0.01672833 
_atom_sites.fract_transf_matrix[3][1]   -0.01257108 
_atom_sites.fract_transf_matrix[3][2]   0.01744875 
_atom_sites.fract_transf_matrix[3][3]   -0.00792690 
_atom_sites.fract_transf_vector[1]      -0.096691 
_atom_sites.fract_transf_vector[2]      0.466975 
_atom_sites.fract_transf_vector[3]      0.030658 
# 
loop_
_atom_type.symbol 
C  
K  
N  
NA 
O  
P  
# 
loop_
_atom_site.group_PDB 
_atom_site.id 
_atom_site.type_symbol 
_atom_site.label_atom_id 
_atom_site.label_alt_id 
_atom_site.label_comp_id 
_atom_site.label_asym_id 
_atom_site.label_entity_id 
_atom_site.label_seq_id 
_atom_site.pdbx_PDB_ins_code 
_atom_site.Cartn_x 
_atom_site.Cartn_y 
_atom_site.Cartn_z 
_atom_site.occupancy 
_atom_site.B_iso_or_equiv 
_atom_site.pdbx_formal_charge 
_atom_site.auth_seq_id 
_atom_site.auth_comp_id 
_atom_site.auth_asym_id 
_atom_site.auth_atom_id 
_atom_site.pdbx_PDB_model_num 
ATOM   1   O  "O3'" . DT  A 1 1  ? -11.398 -14.064 -3.783  0.50 26.18 ? 1001 DT  A "O3'" 1 
ATOM   2   P  P     . DA  A 1 2  ? -10.839 -12.848 -4.660  0.70 28.97 ? 1002 DA  A P     1 
ATOM   3   O  OP1   . DA  A 1 2  ? -11.869 -11.789 -4.754  0.70 25.45 ? 1002 DA  A OP1   1 
ATOM   4   O  OP2   . DA  A 1 2  ? -10.091 -13.442 -5.774  0.70 23.57 ? 1002 DA  A OP2   1 
ATOM   5   O  "O5'" . DA  A 1 2  ? -9.684  -12.224 -3.800  1.00 28.73 ? 1002 DA  A "O5'" 1 
ATOM   6   C  "C5'" . DA  A 1 2  ? -9.833  -11.453 -2.606  1.00 26.12 ? 1002 DA  A "C5'" 1 
ATOM   7   C  "C4'" . DA  A 1 2  ? -8.451  -11.070 -2.090  1.00 22.51 ? 1002 DA  A "C4'" 1 
ATOM   8   O  "O4'" . DA  A 1 2  ? -7.888  -12.215 -1.429  1.00 24.32 ? 1002 DA  A "O4'" 1 
ATOM   9   C  "C3'" . DA  A 1 2  ? -7.364  -10.757 -3.093  1.00 21.42 ? 1002 DA  A "C3'" 1 
ATOM   10  O  "O3'" . DA  A 1 2  ? -6.359  -9.841  -2.521  1.00 20.68 ? 1002 DA  A "O3'" 1 
ATOM   11  C  "C2'" . DA  A 1 2  ? -6.895  -12.177 -3.451  1.00 23.35 ? 1002 DA  A "C2'" 1 
ATOM   12  C  "C1'" . DA  A 1 2  ? -6.762  -12.755 -2.067  1.00 23.74 ? 1002 DA  A "C1'" 1 
ATOM   13  N  N9    . DA  A 1 2  ? -6.957  -14.184 -1.982  1.00 25.18 ? 1002 DA  A N9    1 
ATOM   14  C  C8    . DA  A 1 2  ? -7.576  -14.985 -2.895  1.00 26.43 ? 1002 DA  A C8    1 
ATOM   15  N  N7    . DA  A 1 2  ? -7.653  -16.242 -2.535  1.00 28.09 ? 1002 DA  A N7    1 
ATOM   16  C  C5    . DA  A 1 2  ? -7.040  -16.285 -1.294  1.00 29.09 ? 1002 DA  A C5    1 
ATOM   17  C  C6    . DA  A 1 2  ? -6.777  -17.323 -0.358  1.00 29.18 ? 1002 DA  A C6    1 
ATOM   18  N  N6    . DA  A 1 2  ? -7.127  -18.589 -0.543  1.00 26.09 ? 1002 DA  A N6    1 
ATOM   19  N  N1    . DA  A 1 2  ? -6.144  -17.027 0.799   1.00 28.65 ? 1002 DA  A N1    1 
ATOM   20  C  C2    . DA  A 1 2  ? -5.780  -15.767 0.998   1.00 29.21 ? 1002 DA  A C2    1 
ATOM   21  N  N3    . DA  A 1 2  ? -5.979  -14.704 0.208   1.00 30.51 ? 1002 DA  A N3    1 
ATOM   22  C  C4    . DA  A 1 2  ? -6.615  -15.016 -0.936  1.00 27.95 ? 1002 DA  A C4    1 
ATOM   23  P  P     . DG  A 1 3  ? -5.164  -9.194  -3.357  1.00 18.64 ? 1003 DG  A P     1 
ATOM   24  O  OP1   . DG  A 1 3  ? -5.667  -8.762  -4.657  1.00 22.62 ? 1003 DG  A OP1   1 
ATOM   25  O  OP2   . DG  A 1 3  ? -3.917  -9.977  -3.193  1.00 21.06 ? 1003 DG  A OP2   1 
ATOM   26  O  "O5'" . DG  A 1 3  ? -4.893  -7.890  -2.565  1.00 17.86 ? 1003 DG  A "O5'" 1 
ATOM   27  C  "C5'" . DG  A 1 3  ? -5.762  -6.842  -2.756  1.00 17.38 ? 1003 DG  A "C5'" 1 
ATOM   28  C  "C4'" . DG  A 1 3  ? -5.080  -5.528  -2.495  1.00 14.85 ? 1003 DG  A "C4'" 1 
ATOM   29  O  "O4'" . DG  A 1 3  ? -4.604  -5.584  -1.149  1.00 17.04 ? 1003 DG  A "O4'" 1 
ATOM   30  C  "C3'" . DG  A 1 3  ? -3.899  -5.261  -3.385  1.00 15.93 ? 1003 DG  A "C3'" 1 
ATOM   31  O  "O3'" . DG  A 1 3  ? -3.818  -3.824  -3.604  1.00 18.45 ? 1003 DG  A "O3'" 1 
ATOM   32  C  "C2'" . DG  A 1 3  ? -2.764  -5.712  -2.431  1.00 14.49 ? 1003 DG  A "C2'" 1 
ATOM   33  C  "C1'" . DG  A 1 3  ? -3.239  -5.320  -1.033  1.00 12.85 ? 1003 DG  A "C1'" 1 
ATOM   34  N  N9    . DG  A 1 3  ? -2.488  -6.149  -0.077  1.00 9.71  ? 1003 DG  A N9    1 
ATOM   35  C  C8    . DG  A 1 3  ? -2.224  -7.524  -0.174  1.00 7.13  ? 1003 DG  A C8    1 
ATOM   36  N  N7    . DG  A 1 3  ? -1.459  -7.994  0.760   1.00 9.65  ? 1003 DG  A N7    1 
ATOM   37  C  C5    . DG  A 1 3  ? -1.208  -6.865  1.493   1.00 7.06  ? 1003 DG  A C5    1 
ATOM   38  C  C6    . DG  A 1 3  ? -0.472  -6.685  2.618   1.00 7.83  ? 1003 DG  A C6    1 
ATOM   39  O  O6    . DG  A 1 3  ? 0.139   -7.487  3.257   1.00 14.25 ? 1003 DG  A O6    1 
ATOM   40  N  N1    . DG  A 1 3  ? -0.406  -5.419  3.141   1.00 7.32  ? 1003 DG  A N1    1 
ATOM   41  C  C2    . DG  A 1 3  ? -1.092  -4.345  2.607   1.00 5.50  ? 1003 DG  A C2    1 
ATOM   42  N  N2    . DG  A 1 3  ? -0.959  -3.158  3.220   1.00 7.33  ? 1003 DG  A N2    1 
ATOM   43  N  N3    . DG  A 1 3  ? -1.802  -4.478  1.544   1.00 5.92  ? 1003 DG  A N3    1 
ATOM   44  C  C4    . DG  A 1 3  ? -1.840  -5.734  1.027   1.00 5.55  ? 1003 DG  A C4    1 
ATOM   45  P  P     . DG  A 1 4  ? -2.631  -3.184  -4.509  1.00 17.29 ? 1004 DG  A P     1 
ATOM   46  O  OP1   . DG  A 1 4  ? -3.317  -2.534  -5.609  1.00 21.49 ? 1004 DG  A OP1   1 
ATOM   47  O  OP2   . DG  A 1 4  ? -1.613  -4.176  -4.880  1.00 17.36 ? 1004 DG  A OP2   1 
ATOM   48  O  "O5'" . DG  A 1 4  ? -2.014  -2.156  -3.554  1.00 12.85 ? 1004 DG  A "O5'" 1 
ATOM   49  C  "C5'" . DG  A 1 4  ? -2.795  -1.420  -2.693  1.00 15.48 ? 1004 DG  A "C5'" 1 
ATOM   50  C  "C4'" . DG  A 1 4  ? -1.944  -0.485  -1.872  1.00 13.30 ? 1004 DG  A "C4'" 1 
ATOM   51  O  "O4'" . DG  A 1 4  ? -1.564  -1.200  -0.706  1.00 13.49 ? 1004 DG  A "O4'" 1 
ATOM   52  C  "C3'" . DG  A 1 4  ? -0.604  0.001   -2.402  1.00 16.11 ? 1004 DG  A "C3'" 1 
ATOM   53  O  "O3'" . DG  A 1 4  ? -0.737  1.312   -2.936  1.00 21.40 ? 1004 DG  A "O3'" 1 
ATOM   54  C  "C2'" . DG  A 1 4  ? 0.215   0.298   -1.168  1.00 7.61  ? 1004 DG  A "C2'" 1 
ATOM   55  C  "C1'" . DG  A 1 4  ? -0.208  -0.886  -0.320  1.00 12.75 ? 1004 DG  A "C1'" 1 
ATOM   56  N  N9    . DG  A 1 4  ? 0.454   -2.232  -0.228  1.00 8.63  ? 1004 DG  A N9    1 
ATOM   57  C  C8    . DG  A 1 4  ? 0.177   -3.346  -1.014  1.00 7.32  ? 1004 DG  A C8    1 
ATOM   58  N  N7    . DG  A 1 4  ? 0.833   -4.414  -0.641  1.00 4.94  ? 1004 DG  A N7    1 
ATOM   59  C  C5    . DG  A 1 4  ? 1.564   -3.907  0.448   1.00 2.65  ? 1004 DG  A C5    1 
ATOM   60  C  C6    . DG  A 1 4  ? 2.442   -4.584  1.307   1.00 6.47  ? 1004 DG  A C6    1 
ATOM   61  O  O6    . DG  A 1 4  ? 2.662   -5.755  1.210   1.00 7.97  ? 1004 DG  A O6    1 
ATOM   62  N  N1    . DG  A 1 4  ? 3.004   -3.844  2.326   1.00 2.26  ? 1004 DG  A N1    1 
ATOM   63  C  C2    . DG  A 1 4  ? 2.759   -2.509  2.459   1.00 3.15  ? 1004 DG  A C2    1 
ATOM   64  N  N2    . DG  A 1 4  ? 3.380   -1.861  3.441   1.00 7.79  ? 1004 DG  A N2    1 
ATOM   65  N  N3    . DG  A 1 4  ? 1.899   -1.849  1.701   1.00 4.70  ? 1004 DG  A N3    1 
ATOM   66  C  C4    . DG  A 1 4  ? 1.346   -2.616  0.717   1.00 3.47  ? 1004 DG  A C4    1 
ATOM   67  P  P     . DG  A 1 5  ? 0.183   1.701   -4.166  1.00 18.21 ? 1005 DG  A P     1 
ATOM   68  O  OP1   . DG  A 1 5  ? -0.369  3.027   -4.472  1.00 25.57 ? 1005 DG  A OP1   1 
ATOM   69  O  OP2   . DG  A 1 5  ? 0.073   0.610   -5.127  1.00 15.84 ? 1005 DG  A OP2   1 
ATOM   70  O  "O5'" . DG  A 1 5  ? 1.624   1.952   -3.607  1.00 16.99 ? 1005 DG  A "O5'" 1 
ATOM   71  C  "C5'" . DG  A 1 5  ? 1.741   3.090   -2.818  1.00 19.09 ? 1005 DG  A "C5'" 1 
ATOM   72  C  "C4'" . DG  A 1 5  ? 2.990   2.981   -1.992  1.00 21.58 ? 1005 DG  A "C4'" 1 
ATOM   73  O  "O4'" . DG  A 1 5  ? 2.974   1.749   -1.195  1.00 21.76 ? 1005 DG  A "O4'" 1 
ATOM   74  C  "C3'" . DG  A 1 5  ? 4.199   2.938   -2.892  1.00 23.65 ? 1005 DG  A "C3'" 1 
ATOM   75  O  "O3'" . DG  A 1 5  ? 5.141   3.965   -2.556  1.00 24.91 ? 1005 DG  A "O3'" 1 
ATOM   76  C  "C2'" . DG  A 1 5  ? 4.717   1.485   -2.806  1.00 22.42 ? 1005 DG  A "C2'" 1 
ATOM   77  C  "C1'" . DG  A 1 5  ? 4.188   1.046   -1.443  1.00 19.12 ? 1005 DG  A "C1'" 1 
ATOM   78  N  N9    . DG  A 1 5  ? 4.213   -0.390  -1.369  1.00 12.43 ? 1005 DG  A N9    1 
ATOM   79  C  C8    . DG  A 1 5  ? 3.576   -1.264  -2.206  1.00 11.34 ? 1005 DG  A C8    1 
ATOM   80  N  N7    . DG  A 1 5  ? 3.847   -2.503  -1.890  1.00 9.19  ? 1005 DG  A N7    1 
ATOM   81  C  C5    . DG  A 1 5  ? 4.699   -2.414  -0.795  1.00 6.19  ? 1005 DG  A C5    1 
ATOM   82  C  C6    . DG  A 1 5  ? 5.311   -3.472  -0.091  1.00 4.81  ? 1005 DG  A C6    1 
ATOM   83  O  O6    . DG  A 1 5  ? 5.089   -4.614  -0.373  1.00 11.16 ? 1005 DG  A O6    1 
ATOM   84  N  N1    . DG  A 1 5  ? 6.098   -3.118  0.923   1.00 3.31  ? 1005 DG  A N1    1 
ATOM   85  C  C2    . DG  A 1 5  ? 6.289   -1.796  1.215   1.00 6.90  ? 1005 DG  A C2    1 
ATOM   86  N  N2    . DG  A 1 5  ? 7.071   -1.517  2.231   1.00 8.57  ? 1005 DG  A N2    1 
ATOM   87  N  N3    . DG  A 1 5  ? 5.725   -0.761  0.599   1.00 10.16 ? 1005 DG  A N3    1 
ATOM   88  C  C4    . DG  A 1 5  ? 4.931   -1.150  -0.441  1.00 9.64  ? 1005 DG  A C4    1 
ATOM   89  P  P     . DT  A 1 6  ? 5.885   4.732   -3.798  1.00 23.51 ? 1006 DT  A P     1 
ATOM   90  O  OP1   . DT  A 1 6  ? 6.099   3.797   -4.921  1.00 15.12 ? 1006 DT  A OP1   1 
ATOM   91  O  OP2   . DT  A 1 6  ? 6.956   5.544   -3.239  1.00 25.10 ? 1006 DT  A OP2   1 
ATOM   92  O  "O5'" . DT  A 1 6  ? 4.735   5.673   -4.331  1.00 24.67 ? 1006 DT  A "O5'" 1 
ATOM   93  C  "C5'" . DT  A 1 6  ? 4.076   6.576   -3.458  1.00 27.49 ? 1006 DT  A "C5'" 1 
ATOM   94  C  "C4'" . DT  A 1 6  ? 3.559   7.748   -4.295  1.00 26.60 ? 1006 DT  A "C4'" 1 
ATOM   95  O  "O4'" . DT  A 1 6  ? 4.625   8.287   -5.127  1.00 25.69 ? 1006 DT  A "O4'" 1 
ATOM   96  C  "C3'" . DT  A 1 6  ? 2.478   7.321   -5.243  1.00 25.42 ? 1006 DT  A "C3'" 1 
ATOM   97  O  "O3'" . DT  A 1 6  ? 1.547   8.368   -5.153  1.00 25.26 ? 1006 DT  A "O3'" 1 
ATOM   98  C  "C2'" . DT  A 1 6  ? 3.150   7.183   -6.609  1.00 21.30 ? 1006 DT  A "C2'" 1 
ATOM   99  C  "C1'" . DT  A 1 6  ? 4.293   8.183   -6.480  1.00 21.28 ? 1006 DT  A "C1'" 1 
ATOM   100 N  N1    . DT  A 1 6  ? 5.407   7.819   -7.383  1.00 20.86 ? 1006 DT  A N1    1 
ATOM   101 C  C2    . DT  A 1 6  ? 5.556   8.528   -8.571  1.00 21.09 ? 1006 DT  A C2    1 
ATOM   102 O  O2    . DT  A 1 6  ? 4.890   9.494   -8.923  1.00 19.79 ? 1006 DT  A O2    1 
ATOM   103 N  N3    . DT  A 1 6  ? 6.533   8.076   -9.370  1.00 17.15 ? 1006 DT  A N3    1 
ATOM   104 C  C4    . DT  A 1 6  ? 7.366   7.027   -9.133  1.00 16.38 ? 1006 DT  A C4    1 
ATOM   105 O  O4    . DT  A 1 6  ? 8.189   6.772   -9.983  1.00 17.42 ? 1006 DT  A O4    1 
ATOM   106 C  C5    . DT  A 1 6  ? 7.168   6.291   -7.903  1.00 18.77 ? 1006 DT  A C5    1 
ATOM   107 C  C7    . DT  A 1 6  ? 7.884   5.007   -7.546  1.00 19.67 ? 1006 DT  A C7    1 
ATOM   108 C  C6    . DT  A 1 6  ? 6.200   6.736   -7.108  1.00 22.17 ? 1006 DT  A C6    1 
ATOM   109 P  P     . DT  A 1 7  ? -0.019  8.109   -5.366  1.00 26.97 ? 1007 DT  A P     1 
ATOM   110 O  OP1   . DT  A 1 7  ? -0.472  7.096   -6.328  1.00 23.29 ? 1007 DT  A OP1   1 
ATOM   111 O  OP2   . DT  A 1 7  ? -0.488  9.509   -5.329  1.00 27.53 ? 1007 DT  A OP2   1 
ATOM   112 O  "O5'" . DT  A 1 7  ? -0.423  7.447   -4.009  1.00 23.92 ? 1007 DT  A "O5'" 1 
ATOM   113 C  "C5'" . DT  A 1 7  ? -1.731  7.292   -3.606  1.00 22.10 ? 1007 DT  A "C5'" 1 
ATOM   114 C  "C4'" . DT  A 1 7  ? -1.639  7.124   -2.100  1.00 20.82 ? 1007 DT  A "C4'" 1 
ATOM   115 O  "O4'" . DT  A 1 7  ? -2.962  6.746   -1.698  1.00 25.03 ? 1007 DT  A "O4'" 1 
ATOM   116 C  "C3'" . DT  A 1 7  ? -0.725  5.970   -1.631  1.00 19.37 ? 1007 DT  A "C3'" 1 
ATOM   117 O  "O3'" . DT  A 1 7  ? -0.276  6.283   -0.332  1.00 20.31 ? 1007 DT  A "O3'" 1 
ATOM   118 C  "C2'" . DT  A 1 7  ? -1.683  4.790   -1.650  1.00 18.27 ? 1007 DT  A "C2'" 1 
ATOM   119 C  "C1'" . DT  A 1 7  ? -2.894  5.515   -1.024  1.00 20.68 ? 1007 DT  A "C1'" 1 
ATOM   120 N  N1    . DT  A 1 7  ? -4.183  4.825   -1.066  1.00 17.09 ? 1007 DT  A N1    1 
ATOM   121 C  C2    . DT  A 1 7  ? -4.988  4.929   0.024   1.00 14.67 ? 1007 DT  A C2    1 
ATOM   122 O  O2    . DT  A 1 7  ? -4.640  5.562   0.955   1.00 18.95 ? 1007 DT  A O2    1 
ATOM   123 N  N3    . DT  A 1 7  ? -6.167  4.271   -0.004  1.00 11.38 ? 1007 DT  A N3    1 
ATOM   124 C  C4    . DT  A 1 7  ? -6.585  3.508   -1.065  1.00 13.08 ? 1007 DT  A C4    1 
ATOM   125 O  O4    . DT  A 1 7  ? -7.654  2.890   -1.046  1.00 14.92 ? 1007 DT  A O4    1 
ATOM   126 C  C5    . DT  A 1 7  ? -5.705  3.449   -2.210  1.00 14.22 ? 1007 DT  A C5    1 
ATOM   127 C  C7    . DT  A 1 7  ? -6.071  2.649   -3.422  1.00 13.87 ? 1007 DT  A C7    1 
ATOM   128 C  C6    . DT  A 1 7  ? -4.548  4.072   -2.153  1.00 16.96 ? 1007 DT  A C6    1 
ATOM   129 P  P     . DA  A 1 8  ? 1.186   5.954   0.122   1.00 19.60 ? 1008 DA  A P     1 
ATOM   130 O  OP1   . DA  A 1 8  ? 1.543   6.588   1.351   1.00 18.83 ? 1008 DA  A OP1   1 
ATOM   131 O  OP2   . DA  A 1 8  ? 2.068   6.142   -1.051  1.00 23.17 ? 1008 DA  A OP2   1 
ATOM   132 O  "O5'" . DA  A 1 8  ? 1.034   4.375   0.350   1.00 20.60 ? 1008 DA  A "O5'" 1 
ATOM   133 C  "C5'" . DA  A 1 8  ? 0.743   3.829   1.700   1.00 18.93 ? 1008 DA  A "C5'" 1 
ATOM   134 C  "C4'" . DA  A 1 8  ? -0.722  3.938   2.086   1.00 15.05 ? 1008 DA  A "C4'" 1 
ATOM   135 O  "O4'" . DA  A 1 8  ? -1.544  3.057   1.283   1.00 18.46 ? 1008 DA  A "O4'" 1 
ATOM   136 C  "C3'" . DA  A 1 8  ? -0.994  3.461   3.466   1.00 16.11 ? 1008 DA  A "C3'" 1 
ATOM   137 O  "O3'" . DA  A 1 8  ? -0.527  4.491   4.304   1.00 16.44 ? 1008 DA  A "O3'" 1 
ATOM   138 C  "C2'" . DA  A 1 8  ? -2.507  3.296   3.362   1.00 14.30 ? 1008 DA  A "C2'" 1 
ATOM   139 C  "C1'" . DA  A 1 8  ? -2.768  2.808   1.956   1.00 16.78 ? 1008 DA  A "C1'" 1 
ATOM   140 N  N9    . DA  A 1 8  ? -2.979  1.384   1.804   1.00 13.64 ? 1008 DA  A N9    1 
ATOM   141 C  C8    . DA  A 1 8  ? -2.211  0.458   2.446   1.00 12.66 ? 1008 DA  A C8    1 
ATOM   142 N  N7    . DA  A 1 8  ? -2.530  -0.777  2.180   1.00 10.96 ? 1008 DA  A N7    1 
ATOM   143 C  C5    . DA  A 1 8  ? -3.592  -0.674  1.289   1.00 13.29 ? 1008 DA  A C5    1 
ATOM   144 C  C6    . DA  A 1 8  ? -4.375  -1.635  0.634   1.00 12.28 ? 1008 DA  A C6    1 
ATOM   145 N  N6    . DA  A 1 8  ? -4.225  -2.945  0.749   1.00 14.83 ? 1008 DA  A N6    1 
ATOM   146 N  N1    . DA  A 1 8  ? -5.391  -1.219  -0.169  1.00 15.45 ? 1008 DA  A N1    1 
ATOM   147 C  C2    . DA  A 1 8  ? -5.587  0.129   -0.301  1.00 11.17 ? 1008 DA  A C2    1 
ATOM   148 N  N3    . DA  A 1 8  ? -4.899  1.105   0.238   1.00 13.50 ? 1008 DA  A N3    1 
ATOM   149 C  C4    . DA  A 1 8  ? -3.887  0.658   1.031   1.00 13.33 ? 1008 DA  A C4    1 
ATOM   150 P  P     . DG  A 1 9  ? -0.593  4.475   5.861   1.00 23.57 ? 1009 DG  A P     1 
ATOM   151 O  OP1   . DG  A 1 9  ? -1.996  4.481   6.340   1.00 22.77 ? 1009 DG  A OP1   1 
ATOM   152 O  OP2   . DG  A 1 9  ? 0.453   5.363   6.271   1.00 15.74 ? 1009 DG  A OP2   1 
ATOM   153 O  "O5'" . DG  A 1 9  ? -0.025  2.986   6.167   1.00 23.39 ? 1009 DG  A "O5'" 1 
ATOM   154 C  "C5'" . DG  A 1 9  ? 1.384   2.810   5.994   1.00 19.43 ? 1009 DG  A "C5'" 1 
ATOM   155 C  "C4'" . DG  A 1 9  ? 2.020   2.099   7.127   1.00 14.05 ? 1009 DG  A "C4'" 1 
ATOM   156 O  "O4'" . DG  A 1 9  ? 1.261   0.915   7.427   1.00 17.40 ? 1009 DG  A "O4'" 1 
ATOM   157 C  "C3'" . DG  A 1 9  ? 3.338   1.541   6.653   1.00 16.02 ? 1009 DG  A "C3'" 1 
ATOM   158 O  "O3'" . DG  A 1 9  ? 4.278   2.578   6.829   1.00 16.05 ? 1009 DG  A "O3'" 1 
ATOM   159 C  "C2'" . DG  A 1 9  ? 3.534   0.424   7.663   1.00 12.60 ? 1009 DG  A "C2'" 1 
ATOM   160 C  "C1'" . DG  A 1 9  ? 2.139   -0.141  7.819   1.00 9.69  ? 1009 DG  A "C1'" 1 
ATOM   161 N  N9    . DG  A 1 9  ? 1.804   -1.279  6.986   1.00 8.64  ? 1009 DG  A N9    1 
ATOM   162 C  C8    . DG  A 1 9  ? 0.783   -1.309  6.067   1.00 6.05  ? 1009 DG  A C8    1 
ATOM   163 N  N7    . DG  A 1 9  ? 0.693   -2.429  5.481   1.00 5.14  ? 1009 DG  A N7    1 
ATOM   164 C  C5    . DG  A 1 9  ? 1.690   -3.216  6.101   1.00 5.67  ? 1009 DG  A C5    1 
ATOM   165 C  C6    . DG  A 1 9  ? 2.134   -4.567  5.929   1.00 7.97  ? 1009 DG  A C6    1 
ATOM   166 O  O6    . DG  A 1 9  ? 1.701   -5.451  5.170   1.00 8.79  ? 1009 DG  A O6    1 
ATOM   167 N  N1    . DG  A 1 9  ? 3.209   -4.960  6.757   1.00 9.08  ? 1009 DG  A N1    1 
ATOM   168 C  C2    . DG  A 1 9  ? 3.811   -4.128  7.622   1.00 7.19  ? 1009 DG  A C2    1 
ATOM   169 N  N2    . DG  A 1 9  ? 4.821   -4.548  8.379   1.00 10.27 ? 1009 DG  A N2    1 
ATOM   170 N  N3    . DG  A 1 9  ? 3.400   -2.915  7.792   1.00 9.91  ? 1009 DG  A N3    1 
ATOM   171 C  C4    . DG  A 1 9  ? 2.376   -2.528  6.994   1.00 4.53  ? 1009 DG  A C4    1 
ATOM   172 P  P     . DG  A 1 10 ? 5.691   2.572   6.147   1.00 20.14 ? 1010 DG  A P     1 
ATOM   173 O  OP1   . DG  A 1 10 ? 6.286   3.767   6.661   1.00 18.26 ? 1010 DG  A OP1   1 
ATOM   174 O  OP2   . DG  A 1 10 ? 5.605   2.235   4.684   1.00 17.28 ? 1010 DG  A OP2   1 
ATOM   175 O  "O5'" . DG  A 1 10 ? 6.408   1.338   6.863   1.00 19.49 ? 1010 DG  A "O5'" 1 
ATOM   176 C  "C5'" . DG  A 1 10 ? 7.094   1.443   8.114   1.00 18.06 ? 1010 DG  A "C5'" 1 
ATOM   177 C  "C4'" . DG  A 1 10 ? 8.014   0.220   8.271   1.00 18.79 ? 1010 DG  A "C4'" 1 
ATOM   178 O  "O4'" . DG  A 1 10 ? 7.199   -0.986  8.274   1.00 18.78 ? 1010 DG  A "O4'" 1 
ATOM   179 C  "C3'" . DG  A 1 10 ? 8.962   -0.039  7.100   1.00 20.11 ? 1010 DG  A "C3'" 1 
ATOM   180 O  "O3'" . DG  A 1 10 ? 10.126  0.791   7.168   1.00 24.34 ? 1010 DG  A "O3'" 1 
ATOM   181 C  "C2'" . DG  A 1 10 ? 9.329   -1.494  7.276   1.00 18.44 ? 1010 DG  A "C2'" 1 
ATOM   182 C  "C1'" . DG  A 1 10 ? 8.003   -2.048  7.784   1.00 16.25 ? 1010 DG  A "C1'" 1 
ATOM   183 N  N9    . DG  A 1 10 ? 7.169   -2.590  6.771   1.00 11.41 ? 1010 DG  A N9    1 
ATOM   184 C  C8    . DG  A 1 10 ? 6.200   -1.888  6.161   1.00 11.64 ? 1010 DG  A C8    1 
ATOM   185 N  N7    . DG  A 1 10 ? 5.566   -2.546  5.266   1.00 9.31  ? 1010 DG  A N7    1 
ATOM   186 C  C5    . DG  A 1 10 ? 6.127   -3.777  5.342   1.00 8.64  ? 1010 DG  A C5    1 
ATOM   187 C  C6    . DG  A 1 10 ? 5.818   -4.934  4.671   1.00 7.14  ? 1010 DG  A C6    1 
ATOM   188 O  O6    . DG  A 1 10 ? 4.981   -5.202  3.849   1.00 12.12 ? 1010 DG  A O6    1 
ATOM   189 N  N1    . DG  A 1 10 ? 6.647   -5.994  5.027   1.00 10.70 ? 1010 DG  A N1    1 
ATOM   190 C  C2    . DG  A 1 10 ? 7.640   -5.964  5.951   1.00 9.83  ? 1010 DG  A C2    1 
ATOM   191 N  N2    . DG  A 1 10 ? 8.306   -7.125  6.093   1.00 15.97 ? 1010 DG  A N2    1 
ATOM   192 N  N3    . DG  A 1 10 ? 7.963   -4.897  6.604   1.00 11.05 ? 1010 DG  A N3    1 
ATOM   193 C  C4    . DG  A 1 10 ? 7.178   -3.830  6.224   1.00 11.33 ? 1010 DG  A C4    1 
ATOM   194 P  P     . DG  A 1 11 ? 11.044  0.955   5.908   1.00 25.39 ? 1011 DG  A P     1 
ATOM   195 O  OP1   . DG  A 1 11 ? 11.974  2.026   6.257   1.00 26.44 ? 1011 DG  A OP1   1 
ATOM   196 O  OP2   . DG  A 1 11 ? 10.294  0.859   4.640   1.00 27.28 ? 1011 DG  A OP2   1 
ATOM   197 O  "O5'" . DG  A 1 11 ? 11.841  -0.407  5.851   1.00 30.14 ? 1011 DG  A "O5'" 1 
ATOM   198 C  "C5'" . DG  A 1 11 ? 12.843  -0.743  6.816   1.00 25.86 ? 1011 DG  A "C5'" 1 
ATOM   199 C  "C4'" . DG  A 1 11 ? 13.379  -2.097  6.393   1.00 25.23 ? 1011 DG  A "C4'" 1 
ATOM   200 O  "O4'" . DG  A 1 11 ? 12.384  -3.155  6.211   1.00 22.61 ? 1011 DG  A "O4'" 1 
ATOM   201 C  "C3'" . DG  A 1 11 ? 14.156  -2.086  5.123   1.00 26.66 ? 1011 DG  A "C3'" 1 
ATOM   202 O  "O3'" . DG  A 1 11 ? 15.214  -2.860  5.522   1.00 35.04 ? 1011 DG  A "O3'" 1 
ATOM   203 C  "C2'" . DG  A 1 11 ? 13.326  -2.885  4.137   1.00 21.39 ? 1011 DG  A "C2'" 1 
ATOM   204 C  "C1'" . DG  A 1 11 ? 12.439  -3.785  4.961   1.00 18.86 ? 1011 DG  A "C1'" 1 
ATOM   205 N  N9    . DG  A 1 11 ? 11.143  -3.869  4.286   1.00 15.19 ? 1011 DG  A N9    1 
ATOM   206 C  C8    . DG  A 1 11 ? 10.306  -2.812  3.989   1.00 12.73 ? 1011 DG  A C8    1 
ATOM   207 N  N7    . DG  A 1 11 ? 9.248   -3.107  3.316   1.00 9.41  ? 1011 DG  A N7    1 
ATOM   208 C  C5    . DG  A 1 11 ? 9.379   -4.481  3.144   1.00 10.80 ? 1011 DG  A C5    1 
ATOM   209 C  C6    . DG  A 1 11 ? 8.525   -5.383  2.528   1.00 12.35 ? 1011 DG  A C6    1 
ATOM   210 O  O6    . DG  A 1 11 ? 7.398   -5.259  1.904   1.00 17.67 ? 1011 DG  A O6    1 
ATOM   211 N  N1    . DG  A 1 11 ? 9.113   -6.658  2.598   1.00 13.32 ? 1011 DG  A N1    1 
ATOM   212 C  C2    . DG  A 1 11 ? 10.287  -7.033  3.221   1.00 12.47 ? 1011 DG  A C2    1 
ATOM   213 N  N2    . DG  A 1 11 ? 10.623  -8.347  3.215   1.00 11.74 ? 1011 DG  A N2    1 
ATOM   214 N  N3    . DG  A 1 11 ? 11.059  -6.171  3.819   1.00 10.95 ? 1011 DG  A N3    1 
ATOM   215 C  C4    . DG  A 1 11 ? 10.548  -4.941  3.733   1.00 9.57  ? 1011 DG  A C4    1 
ATOM   216 P  P     . DT  A 1 12 ? 16.729  -2.479  5.279   1.00 36.44 ? 1012 DT  A P     1 
ATOM   217 O  OP1   . DT  A 1 12 ? 17.021  -1.225  6.010   1.00 37.86 ? 1012 DT  A OP1   1 
ATOM   218 O  OP2   . DT  A 1 12 ? 16.988  -2.580  3.833   1.00 35.58 ? 1012 DT  A OP2   1 
ATOM   219 O  "O5'" . DT  A 1 12 ? 17.328  -3.715  6.094   1.00 34.69 ? 1012 DT  A "O5'" 1 
HETATM 220 NA NA    . NA  B 2 .  ? 12.331  -5.154  8.195   1.00 14.52 ? 4    NA  A NA    1 
HETATM 221 K  K     . K   C 3 .  ? 5.385   -6.856  1.225   0.50 12.49 ? 30   K   A K     1 
HETATM 222 K  K     . K   D 3 .  ? 2.984   -7.589  3.569   0.50 15.07 ? 31   K   A K     1 
HETATM 223 K  K     . K   E 3 .  ? 0.733   -8.053  6.003   0.25 14.62 ? 32   K   A K     1 
HETATM 224 O  O6    . NII F 4 .  ? 5.357   -1.577  -7.835  0.50 32.32 ? 1    NII A O6    1 
HETATM 225 C  C30   . NII F 4 .  ? 6.345   -1.725  -6.808  0.50 32.23 ? 1    NII A C30   1 
HETATM 226 C  C29   . NII F 4 .  ? 6.229   -3.095  -6.136  0.50 28.48 ? 1    NII A C29   1 
HETATM 227 C  C28   . NII F 4 .  ? 5.558   -3.169  -4.746  0.50 24.32 ? 1    NII A C28   1 
HETATM 228 N  N3    . NII F 4 .  ? 5.999   -4.529  -4.550  0.50 23.96 ? 1    NII A N3    1 
HETATM 229 C  C9    . NII F 4 .  ? 6.944   -5.070  -3.738  0.50 23.30 ? 1    NII A C9    1 
HETATM 230 C  C8    . NII F 4 .  ? 6.986   -6.389  -4.015  0.50 22.02 ? 1    NII A C8    1 
HETATM 231 C  C7    . NII F 4 .  ? 7.840   -7.190  -3.319  0.50 22.71 ? 1    NII A C7    1 
HETATM 232 C  C14   . NII F 4 .  ? 7.813   -8.486  -3.687  0.50 23.38 ? 1    NII A C14   1 
HETATM 233 O  O1    . NII F 4 .  ? 7.032   -8.837  -4.606  0.50 24.25 ? 1    NII A O1    1 
HETATM 234 N  N2    . NII F 4 .  ? 8.609   -9.357  -3.110  0.50 23.25 ? 1    NII A N2    1 
HETATM 235 C  C18   . NII F 4 .  ? 8.488   -10.740 -3.614  0.50 23.94 ? 1    NII A C18   1 
HETATM 236 C  C19   . NII F 4 .  ? 7.475   -10.819 -4.764  0.50 25.40 ? 1    NII A C19   1 
HETATM 237 C  C20   . NII F 4 .  ? 7.513   -12.155 -5.518  0.50 28.34 ? 1    NII A C20   1 
HETATM 238 N  N5    . NII F 4 .  ? 6.148   -12.640 -5.832  0.50 28.78 ? 1    NII A N5    1 
HETATM 239 C  C24   . NII F 4 .  ? 5.602   -11.915 -6.988  0.50 29.25 ? 1    NII A C24   1 
HETATM 240 C  C23   . NII F 4 .  ? 6.204   -14.077 -6.167  0.50 29.55 ? 1    NII A C23   1 
HETATM 241 C  C13   . NII F 4 .  ? 9.475   -8.984  -2.135  0.50 23.70 ? 1    NII A C13   1 
HETATM 242 O  O4    . NII F 4 .  ? 10.198  -9.883  -1.635  0.50 24.43 ? 1    NII A O4    1 
HETATM 243 C  C10   . NII F 4 .  ? 7.780   -4.554  -2.729  0.50 23.47 ? 1    NII A C10   1 
HETATM 244 C  C11   . NII F 4 .  ? 7.782   -3.224  -2.394  0.50 23.86 ? 1    NII A C11   1 
HETATM 245 O  O2    . NII F 4 .  ? 6.981   -2.515  -3.037  0.50 24.03 ? 1    NII A O2    1 
HETATM 246 N  N1    . NII F 4 .  ? 8.596   -2.729  -1.433  0.50 23.26 ? 1    NII A N1    1 
HETATM 247 C  C15   . NII F 4 .  ? 8.558   -1.277  -1.140  0.50 24.27 ? 1    NII A C15   1 
HETATM 248 C  C16   . NII F 4 .  ? 9.320   -0.875  0.131   0.50 28.81 ? 1    NII A C16   1 
HETATM 249 C  C17   . NII F 4 .  ? 10.526  0.029   -0.125  0.50 32.08 ? 1    NII A C17   1 
HETATM 250 N  N4    . NII F 4 .  ? 11.295  0.123   1.130   0.50 33.47 ? 1    NII A N4    1 
HETATM 251 C  C21   . NII F 4 .  ? 12.353  -0.899  1.135   0.50 33.26 ? 1    NII A C21   1 
HETATM 252 C  C22   . NII F 4 .  ? 11.892  1.462   1.288   0.50 35.49 ? 1    NII A C22   1 
HETATM 253 C  C5    . NII F 4 .  ? 8.660   -5.389  -2.032  0.50 23.39 ? 1    NII A C5    1 
HETATM 254 C  C6    . NII F 4 .  ? 9.489   -4.883  -1.049  0.50 22.53 ? 1    NII A C6    1 
HETATM 255 C  C12   . NII F 4 .  ? 9.436   -3.526  -0.767  0.50 23.10 ? 1    NII A C12   1 
HETATM 256 O  O3    . NII F 4 .  ? 10.182  -3.014  0.099   0.50 23.96 ? 1    NII A O3    1 
HETATM 257 C  C4    . NII F 4 .  ? 8.697   -6.742  -2.338  0.50 23.38 ? 1    NII A C4    1 
HETATM 258 C  C3    . NII F 4 .  ? 9.559   -7.639  -1.700  0.50 23.47 ? 1    NII A C3    1 
HETATM 259 C  C2    . NII F 4 .  ? 10.412  -7.090  -0.709  0.50 23.29 ? 1    NII A C2    1 
HETATM 260 C  C1    . NII F 4 .  ? 10.365  -5.736  -0.402  0.50 21.94 ? 1    NII A C1    1 
HETATM 261 N  N6    . NII F 4 .  ? 11.338  -7.674  0.083   0.50 24.23 ? 1    NII A N6    1 
HETATM 262 C  C25   . NII F 4 .  ? 11.802  -9.032  0.180   0.50 24.33 ? 1    NII A C25   1 
HETATM 263 C  C26   . NII F 4 .  ? 13.301  -8.729  0.175   0.50 28.25 ? 1    NII A C26   1 
HETATM 264 C  C27   . NII F 4 .  ? 14.079  -9.705  -0.705  0.50 31.26 ? 1    NII A C27   1 
HETATM 265 O  O5    . NII F 4 .  ? 14.609  -10.790 0.069   0.50 30.07 ? 1    NII A O5    1 
HETATM 266 O  O6    . NII G 4 .  ? -13.081 6.556   5.330   0.50 39.84 ? 2    NII A O6    1 
HETATM 267 C  C30   . NII G 4 .  ? -14.134 5.683   4.925   0.50 40.44 ? 2    NII A C30   1 
HETATM 268 C  C29   . NII G 4 .  ? -13.913 5.168   3.504   0.50 40.45 ? 2    NII A C29   1 
HETATM 269 C  C28   . NII G 4 .  ? -12.470 5.430   3.105   0.50 38.81 ? 2    NII A C28   1 
HETATM 270 N  N3    . NII G 4 .  ? -12.324 4.946   1.748   0.50 38.84 ? 2    NII A N3    1 
HETATM 271 C  C9    . NII G 4 .  ? -11.251 5.430   1.094   0.50 38.50 ? 2    NII A C9    1 
HETATM 272 C  C8    . NII G 4 .  ? -10.483 6.321   1.821   0.50 38.32 ? 2    NII A C8    1 
HETATM 273 C  C7    . NII G 4 .  ? -9.359  6.878   1.247   0.50 38.02 ? 2    NII A C7    1 
HETATM 274 C  C14   . NII G 4 .  ? -8.613  7.758   1.993   0.50 38.74 ? 2    NII A C14   1 
HETATM 275 O  O1    . NII G 4 .  ? -9.002  7.991   3.167   0.50 39.00 ? 2    NII A O1    1 
HETATM 276 N  N2    . NII G 4 .  ? -7.516  8.328   1.452   0.50 38.88 ? 2    NII A N2    1 
HETATM 277 C  C18   . NII G 4 .  ? -6.687  9.271   2.227   0.50 38.98 ? 2    NII A C18   1 
HETATM 278 C  C19   . NII G 4 .  ? -5.363  8.605   2.641   0.50 40.61 ? 2    NII A C19   1 
HETATM 279 C  C20   . NII G 4 .  ? -5.159  8.623   4.159   0.50 41.17 ? 2    NII A C20   1 
HETATM 280 N  N5    . NII G 4 .  ? -4.898  7.295   4.765   0.50 42.47 ? 2    NII A N5    1 
HETATM 281 C  C24   . NII G 4 .  ? -5.840  6.281   4.261   0.50 42.25 ? 2    NII A C24   1 
HETATM 282 C  C23   . NII G 4 .  ? -3.501  6.856   4.558   0.50 41.34 ? 2    NII A C23   1 
HETATM 283 C  C13   . NII G 4 .  ? -7.139  8.042   0.192   0.50 38.84 ? 2    NII A C13   1 
HETATM 284 O  O4    . NII G 4 .  ? -6.111  8.615   -0.246  0.50 39.37 ? 2    NII A O4    1 
HETATM 285 C  C10   . NII G 4 .  ? -10.900 5.098   -0.227  0.50 38.24 ? 2    NII A C10   1 
HETATM 286 C  C11   . NII G 4 .  ? -11.631 4.208   -1.021  0.50 38.81 ? 2    NII A C11   1 
HETATM 287 O  O2    . NII G 4 .  ? -12.667 3.657   -0.581  0.50 39.41 ? 2    NII A O2    1 
HETATM 288 N  N1    . NII G 4 .  ? -11.252 3.927   -2.282  0.50 38.86 ? 2    NII A N1    1 
HETATM 289 C  C15   . NII G 4 .  ? -12.068 2.976   -3.062  0.50 38.95 ? 2    NII A C15   1 
HETATM 290 C  C16   . NII G 4 .  ? -11.865 1.535   -2.564  0.50 40.36 ? 2    NII A C16   1 
HETATM 291 C  C17   . NII G 4 .  ? -10.854 0.777   -3.420  0.50 40.41 ? 2    NII A C17   1 
HETATM 292 N  N4    . NII G 4 .  ? -10.498 -0.506  -2.784  0.50 41.73 ? 2    NII A N4    1 
HETATM 293 C  C21   . NII G 4 .  ? -10.730 -1.635  -3.707  0.50 41.38 ? 2    NII A C21   1 
HETATM 294 C  C22   . NII G 4 .  ? -9.073  -0.476  -2.436  0.50 41.31 ? 2    NII A C22   1 
HETATM 295 C  C5    . NII G 4 .  ? -9.765  5.678   -0.786  0.50 37.54 ? 2    NII A C5    1 
HETATM 296 C  C6    . NII G 4 .  ? -9.393  5.372   -2.085  0.50 38.10 ? 2    NII A C6    1 
HETATM 297 C  C12   . NII G 4 .  ? -10.147 4.491   -2.822  0.50 38.71 ? 2    NII A C12   1 
HETATM 298 O  O3    . NII G 4 .  ? -9.754  4.255   -3.994  0.50 38.91 ? 2    NII A O3    1 
HETATM 299 C  C4    . NII G 4 .  ? -8.998  6.567   -0.052  0.50 37.55 ? 2    NII A C4    1 
HETATM 300 C  C3    . NII G 4 .  ? -7.866  7.151   -0.608  0.50 38.21 ? 2    NII A C3    1 
HETATM 301 C  C2    . NII G 4 .  ? -7.498  6.837   -1.929  0.50 38.50 ? 2    NII A C2    1 
HETATM 302 C  C1    . NII G 4 .  ? -8.267  5.948   -2.669  0.50 38.21 ? 2    NII A C1    1 
HETATM 303 N  N6    . NII G 4 .  ? -6.400  7.399   -2.499  0.50 38.78 ? 2    NII A N6    1 
HETATM 304 C  C25   . NII G 4 .  ? -5.983  7.098   -3.855  0.50 38.97 ? 2    NII A C25   1 
HETATM 305 C  C26   . NII G 4 .  ? -5.571  8.454   -4.429  0.50 40.00 ? 2    NII A C26   1 
HETATM 306 C  C27   . NII G 4 .  ? -5.093  8.336   -5.882  0.50 40.92 ? 2    NII A C27   1 
HETATM 307 O  O5    . NII G 4 .  ? -6.074  7.729   -6.726  0.50 41.02 ? 2    NII A O5    1 
HETATM 308 O  O6    . NII H 4 .  ? -18.301 6.599   -0.833  0.25 35.33 ? 3    NII A O6    1 
HETATM 309 C  C30   . NII H 4 .  ? -17.611 6.342   -2.054  0.25 34.89 ? 3    NII A C30   1 
HETATM 310 C  C29   . NII H 4 .  ? -16.428 5.398   -1.828  0.25 33.77 ? 3    NII A C29   1 
HETATM 311 C  C28   . NII H 4 .  ? -15.294 6.120   -1.111  0.25 32.02 ? 3    NII A C28   1 
HETATM 312 N  N3    . NII H 4 .  ? -14.279 6.415   -2.116  0.25 31.77 ? 3    NII A N3    1 
HETATM 313 C  C9    . NII H 4 .  ? -13.235 7.212   -1.783  0.25 31.41 ? 3    NII A C9    1 
HETATM 314 C  C8    . NII H 4 .  ? -13.200 7.703   -0.483  0.25 31.68 ? 3    NII A C8    1 
HETATM 315 C  C7    . NII H 4 .  ? -12.161 8.520   -0.066  0.25 31.50 ? 3    NII A C7    1 
HETATM 316 C  C14   . NII H 4 .  ? -12.132 9.006   1.229   0.25 31.75 ? 3    NII A C14   1 
HETATM 317 O  O1    . NII H 4 .  ? -13.051 8.698   2.021   0.25 31.78 ? 3    NII A O1    1 
HETATM 318 N  N2    . NII H 4 .  ? -11.110 9.792   1.605   0.25 31.77 ? 3    NII A N2    1 
HETATM 319 C  C18   . NII H 4 .  ? -11.038 10.347  2.956   0.25 32.05 ? 3    NII A C18   1 
HETATM 320 C  C19   . NII H 4 .  ? -10.745 9.359   4.077   0.25 33.92 ? 3    NII A C19   1 
HETATM 321 C  C20   . NII H 4 .  ? -10.908 10.099  5.410   0.25 35.53 ? 3    NII A C20   1 
HETATM 322 N  N5    . NII H 4 .  ? -12.172 10.875  5.441   0.25 35.68 ? 3    NII A N5    1 
HETATM 323 C  C24   . NII H 4 .  ? -12.967 10.511  6.628   0.25 36.55 ? 3    NII A C24   1 
HETATM 324 C  C23   . NII H 4 .  ? -11.925 12.333  5.450   0.25 36.69 ? 3    NII A C23   1 
HETATM 325 C  C13   . NII H 4 .  ? -10.126 10.141  0.759   0.25 31.68 ? 3    NII A C13   1 
HETATM 326 O  O4    . NII H 4 .  ? -9.209  10.882  1.175   0.25 31.89 ? 3    NII A O4    1 
HETATM 327 C  C10   . NII H 4 .  ? -12.221 7.567   -2.696  0.25 31.49 ? 3    NII A C10   1 
HETATM 328 C  C11   . NII H 4 .  ? -12.171 7.099   -4.001  0.25 31.64 ? 3    NII A C11   1 
HETATM 329 O  O2    . NII H 4 .  ? -13.083 6.359   -4.419  0.25 31.84 ? 3    NII A O2    1 
HETATM 330 N  N1    . NII H 4 .  ? -11.173 7.431   -4.849  0.25 31.92 ? 3    NII A N1    1 
HETATM 331 C  C15   . NII H 4 .  ? -11.215 6.927   -6.238  0.25 32.32 ? 3    NII A C15   1 
HETATM 332 C  C16   . NII H 4 .  ? -10.013 6.051   -6.579  0.25 36.13 ? 3    NII A C16   1 
HETATM 333 C  C17   . NII H 4 .  ? -10.360 4.968   -7.603  0.25 38.63 ? 3    NII A C17   1 
HETATM 334 N  N4    . NII H 4 .  ? -10.083 5.382   -8.998  0.25 40.36 ? 3    NII A N4    1 
HETATM 335 C  C21   . NII H 4 .  ? -8.652  5.226   -9.332  0.25 41.00 ? 3    NII A C21   1 
HETATM 336 C  C22   . NII H 4 .  ? -10.870 4.548   -9.933  0.25 41.06 ? 3    NII A C22   1 
HETATM 337 C  C5    . NII H 4 .  ? -11.171 8.378   -2.244  0.25 30.89 ? 3    NII A C5    1 
HETATM 338 C  C6    . NII H 4 .  ? -10.157 8.713   -3.138  0.25 31.54 ? 3    NII A C6    1 
HETATM 339 C  C12   . NII H 4 .  ? -10.173 8.233   -4.441  0.25 31.80 ? 3    NII A C12   1 
HETATM 340 O  O3    . NII H 4 .  ? -9.242  8.567   -5.208  0.25 31.80 ? 3    NII A O3    1 
HETATM 341 C  C4    . NII H 4 .  ? -11.148 8.862   -0.951  0.25 30.95 ? 3    NII A C4    1 
HETATM 342 C  C3    . NII H 4 .  ? -10.110 9.682   -0.562  0.25 31.55 ? 3    NII A C3    1 
HETATM 343 C  C2    . NII H 4 .  ? -9.087  10.026  -1.445  0.25 31.49 ? 3    NII A C2    1 
HETATM 344 C  C1    . NII H 4 .  ? -9.117  9.536   -2.742  0.25 31.66 ? 3    NII A C1    1 
HETATM 345 N  N6    . NII H 4 .  ? -8.061  10.825  -1.064  0.25 31.90 ? 3    NII A N6    1 
HETATM 346 C  C25   . NII H 4 .  ? -6.987  11.188  -1.980  0.25 32.12 ? 3    NII A C25   1 
HETATM 347 C  C26   . NII H 4 .  ? -6.615  12.617  -1.600  0.25 34.35 ? 3    NII A C26   1 
HETATM 348 C  C27   . NII H 4 .  ? -6.417  13.493  -2.839  0.25 35.72 ? 3    NII A C27   1 
HETATM 349 O  O5    . NII H 4 .  ? -5.961  14.793  -2.471  0.25 36.66 ? 3    NII A O5    1 
HETATM 350 O  O     . HOH I 5 .  ? -1.376  -9.028  -3.535  1.00 16.61 ? 1013 HOH A O     1 
HETATM 351 O  O     . HOH I 5 .  ? 1.086   0.547   3.092   1.00 17.36 ? 1014 HOH A O     1 
HETATM 352 O  O     . HOH I 5 .  ? -0.426  -6.492  -4.785  1.00 20.27 ? 1015 HOH A O     1 
HETATM 353 O  O     . HOH I 5 .  ? -4.261  3.528   6.447   1.00 26.04 ? 1016 HOH A O     1 
HETATM 354 O  O     . HOH I 5 .  ? 7.729   1.124   3.558   1.00 18.76 ? 1017 HOH A O     1 
HETATM 355 O  O     . HOH I 5 .  ? -4.709  -12.332 0.604   1.00 20.26 ? 1018 HOH A O     1 
HETATM 356 O  O     . HOH I 5 .  ? 6.904   -4.203  10.498  1.00 18.05 ? 1019 HOH A O     1 
HETATM 357 O  O     . HOH I 5 .  ? 12.813  -3.594  9.403   1.00 19.34 ? 1020 HOH A O     1 
HETATM 358 O  O     . HOH I 5 .  ? 7.560   1.944   0.261   1.00 30.46 ? 1021 HOH A O     1 
HETATM 359 O  O     . HOH I 5 .  ? -2.705  3.612   -4.926  1.00 22.02 ? 1022 HOH A O     1 
HETATM 360 O  O     . HOH I 5 .  ? 4.030   1.532   3.118   1.00 23.26 ? 1023 HOH A O     1 
HETATM 361 O  O     . HOH I 5 .  ? -6.351  -1.504  -4.649  1.00 26.71 ? 1024 HOH A O     1 
HETATM 362 O  O     . HOH I 5 .  ? 1.510   9.196   -1.433  1.00 29.47 ? 1025 HOH A O     1 
HETATM 363 O  O     . HOH I 5 .  ? 4.771   3.175   -6.262  1.00 20.21 ? 1026 HOH A O     1 
HETATM 364 O  O     . HOH I 5 .  ? -1.867  5.893   8.827   1.00 32.56 ? 1027 HOH A O     1 
HETATM 365 O  O     . HOH I 5 .  ? -5.957  -17.939 3.159   1.00 25.94 ? 1028 HOH A O     1 
HETATM 366 O  O     . HOH I 5 .  ? 2.602   9.824   -11.697 1.00 32.56 ? 1029 HOH A O     1 
HETATM 367 O  O     . HOH I 5 .  ? 1.706   5.669   8.387   1.00 26.08 ? 1030 HOH A O     1 
HETATM 368 O  O     . HOH I 5 .  ? -2.430  6.002   -7.161  1.00 31.47 ? 1031 HOH A O     1 
HETATM 369 O  O     . HOH I 5 .  ? 4.722   3.629   1.635   1.00 31.30 ? 1032 HOH A O     1 
HETATM 370 O  O     . HOH I 5 .  ? 1.014   4.535   -6.370  1.00 27.73 ? 1033 HOH A O     1 
HETATM 371 O  O     . HOH I 5 .  ? 13.085  -9.846  4.105   1.00 21.81 ? 1034 HOH A O     1 
HETATM 372 O  O     . HOH I 5 .  ? 7.970   3.785   2.342   1.00 35.62 ? 1035 HOH A O     1 
HETATM 373 O  O     . HOH I 5 .  ? 4.166   10.709  -0.989  1.00 29.28 ? 1036 HOH A O     1 
HETATM 374 O  O     . HOH I 5 .  ? -0.685  8.611   2.727   1.00 42.00 ? 1037 HOH A O     1 
HETATM 375 O  O     . HOH I 5 .  ? 8.027   1.645   -4.690  1.00 31.60 ? 1038 HOH A O     1 
HETATM 376 O  O     . HOH I 5 .  ? 17.136  -3.176  1.720   1.00 35.45 ? 1039 HOH A O     1 
HETATM 377 O  O     . HOH I 5 .  ? 15.232  -4.273  0.682   1.00 35.96 ? 1040 HOH A O     1 
# 
loop_
_pdbx_poly_seq_scheme.asym_id 
_pdbx_poly_seq_scheme.entity_id 
_pdbx_poly_seq_scheme.seq_id 
_pdbx_poly_seq_scheme.mon_id 
_pdbx_poly_seq_scheme.ndb_seq_num 
_pdbx_poly_seq_scheme.pdb_seq_num 
_pdbx_poly_seq_scheme.auth_seq_num 
_pdbx_poly_seq_scheme.pdb_mon_id 
_pdbx_poly_seq_scheme.auth_mon_id 
_pdbx_poly_seq_scheme.pdb_strand_id 
_pdbx_poly_seq_scheme.pdb_ins_code 
_pdbx_poly_seq_scheme.hetero 
A 1 1  DT 1  1001 1001 DT T A . n 
A 1 2  DA 2  1002 1002 DA A A . n 
A 1 3  DG 3  1003 1003 DG G A . n 
A 1 4  DG 4  1004 1004 DG G A . n 
A 1 5  DG 5  1005 1005 DG G A . n 
A 1 6  DT 6  1006 1006 DT T A . n 
A 1 7  DT 7  1007 1007 DT T A . n 
A 1 8  DA 8  1008 1008 DA A A . n 
A 1 9  DG 9  1009 1009 DG G A . n 
A 1 10 DG 10 1010 1010 DG G A . n 
A 1 11 DG 11 1011 1011 DG G A . n 
A 1 12 DT 12 1012 1012 DT T A . n 
# 
loop_
_pdbx_nonpoly_scheme.asym_id 
_pdbx_nonpoly_scheme.entity_id 
_pdbx_nonpoly_scheme.mon_id 
_pdbx_nonpoly_scheme.ndb_seq_num 
_pdbx_nonpoly_scheme.pdb_seq_num 
_pdbx_nonpoly_scheme.auth_seq_num 
_pdbx_nonpoly_scheme.pdb_mon_id 
_pdbx_nonpoly_scheme.auth_mon_id 
_pdbx_nonpoly_scheme.pdb_strand_id 
_pdbx_nonpoly_scheme.pdb_ins_code 
B 2 NA  1  4    1  NA  NA  A . 
C 3 K   1  30   30 K   K   A . 
D 3 K   1  31   31 K   K   A . 
E 3 K   1  32   32 K   K   A . 
F 4 NII 1  1    1  NII P10 A . 
G 4 NII 1  2    2  NII P10 A . 
H 4 NII 1  3    3  NII P10 A . 
I 5 HOH 1  1013 2  HOH HOH A . 
I 5 HOH 2  1014 3  HOH HOH A . 
I 5 HOH 3  1015 4  HOH HOH A . 
I 5 HOH 4  1016 5  HOH HOH A . 
I 5 HOH 5  1017 6  HOH HOH A . 
I 5 HOH 6  1018 7  HOH HOH A . 
I 5 HOH 7  1019 8  HOH HOH A . 
I 5 HOH 8  1020 9  HOH HOH A . 
I 5 HOH 9  1021 10 HOH HOH A . 
I 5 HOH 10 1022 11 HOH HOH A . 
I 5 HOH 11 1023 12 HOH HOH A . 
I 5 HOH 12 1024 13 HOH HOH A . 
I 5 HOH 13 1025 14 HOH HOH A . 
I 5 HOH 14 1026 15 HOH HOH A . 
I 5 HOH 15 1027 16 HOH HOH A . 
I 5 HOH 16 1028 17 HOH HOH A . 
I 5 HOH 17 1029 18 HOH HOH A . 
I 5 HOH 18 1030 19 HOH HOH A . 
I 5 HOH 19 1031 20 HOH HOH A . 
I 5 HOH 20 1032 21 HOH HOH A . 
I 5 HOH 21 1033 22 HOH HOH A . 
I 5 HOH 22 1034 23 HOH HOH A . 
I 5 HOH 23 1035 24 HOH HOH A . 
I 5 HOH 24 1036 25 HOH HOH A . 
I 5 HOH 25 1037 26 HOH HOH A . 
I 5 HOH 26 1038 27 HOH HOH A . 
I 5 HOH 27 1039 28 HOH HOH A . 
I 5 HOH 28 1040 29 HOH HOH A . 
# 
_struct_site_keywords.site_id   1 
_struct_site_keywords.text      INTERCALATION 
# 
_pdbx_struct_assembly.id                   1 
_pdbx_struct_assembly.details              author_and_software_defined_assembly 
_pdbx_struct_assembly.method_details       PISA 
_pdbx_struct_assembly.oligomeric_details   dimeric 
_pdbx_struct_assembly.oligomeric_count     2 
# 
_pdbx_struct_assembly_gen.assembly_id       1 
_pdbx_struct_assembly_gen.oper_expression   1,2 
_pdbx_struct_assembly_gen.asym_id_list      A,B,C,D,E,F,G,H,I 
# 
loop_
_pdbx_struct_assembly_prop.biol_id 
_pdbx_struct_assembly_prop.type 
_pdbx_struct_assembly_prop.value 
_pdbx_struct_assembly_prop.details 
1 'ABSA (A^2)' 880  ? 
1 MORE         -25  ? 
1 'SSA (A^2)'  4250 ? 
# 
loop_
_pdbx_struct_oper_list.id 
_pdbx_struct_oper_list.type 
_pdbx_struct_oper_list.name 
_pdbx_struct_oper_list.symmetry_operation 
_pdbx_struct_oper_list.matrix[1][1] 
_pdbx_struct_oper_list.matrix[1][2] 
_pdbx_struct_oper_list.matrix[1][3] 
_pdbx_struct_oper_list.vector[1] 
_pdbx_struct_oper_list.matrix[2][1] 
_pdbx_struct_oper_list.matrix[2][2] 
_pdbx_struct_oper_list.matrix[2][3] 
_pdbx_struct_oper_list.vector[2] 
_pdbx_struct_oper_list.matrix[3][1] 
_pdbx_struct_oper_list.matrix[3][2] 
_pdbx_struct_oper_list.matrix[3][3] 
_pdbx_struct_oper_list.vector[3] 
1 'identity operation'         1_555  x,y,z          1.0000000000  0.0000000000 0.0000000000  0.0000000000 0.0000000000 1.0000000000  0.0000000000  0.0000000000   0.0000000000  0.0000000000  1.0000000000  0.0000000000 
2 'crystal symmetry operation' 12_564 x,x-y+1,-z-1/3 -0.0549903670 0.2405958228 -0.9690664114 8.5495489159 0.2405958228 -0.9387452276 -0.2467205862 -14.2812581216 -0.9690664114 -0.2467205862 -0.0062644054 4.7916169428 
# 
loop_
_pdbx_struct_special_symmetry.id 
_pdbx_struct_special_symmetry.PDB_model_num 
_pdbx_struct_special_symmetry.auth_asym_id 
_pdbx_struct_special_symmetry.auth_comp_id 
_pdbx_struct_special_symmetry.auth_seq_id 
_pdbx_struct_special_symmetry.PDB_ins_code 
_pdbx_struct_special_symmetry.label_asym_id 
_pdbx_struct_special_symmetry.label_comp_id 
_pdbx_struct_special_symmetry.label_seq_id 
1 1 A K   30 ? C K   . 
2 1 A K   31 ? D K   . 
3 1 A K   32 ? E K   . 
4 1 A NII 3  ? H NII . 
# 
loop_
_pdbx_struct_conn_angle.id 
_pdbx_struct_conn_angle.ptnr1_label_atom_id 
_pdbx_struct_conn_angle.ptnr1_label_alt_id 
_pdbx_struct_conn_angle.ptnr1_label_asym_id 
_pdbx_struct_conn_angle.ptnr1_label_comp_id 
_pdbx_struct_conn_angle.ptnr1_label_seq_id 
_pdbx_struct_conn_angle.ptnr1_auth_atom_id 
_pdbx_struct_conn_angle.ptnr1_auth_asym_id 
_pdbx_struct_conn_angle.ptnr1_auth_comp_id 
_pdbx_struct_conn_angle.ptnr1_auth_seq_id 
_pdbx_struct_conn_angle.ptnr1_PDB_ins_code 
_pdbx_struct_conn_angle.ptnr1_symmetry 
_pdbx_struct_conn_angle.ptnr2_label_atom_id 
_pdbx_struct_conn_angle.ptnr2_label_alt_id 
_pdbx_struct_conn_angle.ptnr2_label_asym_id 
_pdbx_struct_conn_angle.ptnr2_label_comp_id 
_pdbx_struct_conn_angle.ptnr2_label_seq_id 
_pdbx_struct_conn_angle.ptnr2_auth_atom_id 
_pdbx_struct_conn_angle.ptnr2_auth_asym_id 
_pdbx_struct_conn_angle.ptnr2_auth_comp_id 
_pdbx_struct_conn_angle.ptnr2_auth_seq_id 
_pdbx_struct_conn_angle.ptnr2_PDB_ins_code 
_pdbx_struct_conn_angle.ptnr2_symmetry 
_pdbx_struct_conn_angle.ptnr3_label_atom_id 
_pdbx_struct_conn_angle.ptnr3_label_alt_id 
_pdbx_struct_conn_angle.ptnr3_label_asym_id 
_pdbx_struct_conn_angle.ptnr3_label_comp_id 
_pdbx_struct_conn_angle.ptnr3_label_seq_id 
_pdbx_struct_conn_angle.ptnr3_auth_atom_id 
_pdbx_struct_conn_angle.ptnr3_auth_asym_id 
_pdbx_struct_conn_angle.ptnr3_auth_comp_id 
_pdbx_struct_conn_angle.ptnr3_auth_seq_id 
_pdbx_struct_conn_angle.ptnr3_PDB_ins_code 
_pdbx_struct_conn_angle.ptnr3_symmetry 
_pdbx_struct_conn_angle.value 
_pdbx_struct_conn_angle.value_esd 
1 O6 ? A DG 4 ? A DG 1004 ? 1_555 K ? C K . ? A K 30 ? 1_555 O6 ? A DG 5  ? A DG 1005 ? 1_555 66.1  ? 
2 O6 ? A DG 4 ? A DG 1004 ? 1_555 K ? C K . ? A K 30 ? 1_555 O6 ? A DG 11 ? A DG 1011 ? 1_555 118.6 ? 
3 O6 ? A DG 5 ? A DG 1005 ? 1_555 K ? C K . ? A K 30 ? 1_555 O6 ? A DG 11 ? A DG 1011 ? 1_555 75.0  ? 
4 O6 ? A DG 3 ? A DG 1003 ? 1_555 K ? D K . ? A K 31 ? 1_555 O6 ? A DG 9  ? A DG 1009 ? 1_555 66.6  ? 
5 O6 ? A DG 3 ? A DG 1003 ? 1_555 K ? E K . ? A K 32 ? 1_555 O6 ? A DG 9  ? A DG 1009 ? 1_555 67.5  ? 
# 
loop_
_pdbx_audit_revision_history.ordinal 
_pdbx_audit_revision_history.data_content_type 
_pdbx_audit_revision_history.major_revision 
_pdbx_audit_revision_history.minor_revision 
_pdbx_audit_revision_history.revision_date 
1 'Structure model' 1 0 2008-09-23 
2 'Structure model' 1 1 2011-07-13 
3 'Structure model' 1 2 2023-11-01 
# 
_pdbx_audit_revision_details.ordinal             1 
_pdbx_audit_revision_details.revision_ordinal    1 
_pdbx_audit_revision_details.data_content_type   'Structure model' 
_pdbx_audit_revision_details.provider            repository 
_pdbx_audit_revision_details.type                'Initial release' 
_pdbx_audit_revision_details.description         ? 
_pdbx_audit_revision_details.details             ? 
# 
loop_
_pdbx_audit_revision_group.ordinal 
_pdbx_audit_revision_group.revision_ordinal 
_pdbx_audit_revision_group.data_content_type 
_pdbx_audit_revision_group.group 
1 2 'Structure model' 'Version format compliance' 
2 3 'Structure model' 'Data collection'           
3 3 'Structure model' 'Database references'       
4 3 'Structure model' 'Derived calculations'      
5 3 'Structure model' 'Refinement description'    
# 
loop_
_pdbx_audit_revision_category.ordinal 
_pdbx_audit_revision_category.revision_ordinal 
_pdbx_audit_revision_category.data_content_type 
_pdbx_audit_revision_category.category 
1 3 'Structure model' chem_comp_atom                
2 3 'Structure model' chem_comp_bond                
3 3 'Structure model' database_2                    
4 3 'Structure model' pdbx_initial_refinement_model 
5 3 'Structure model' pdbx_struct_conn_angle        
6 3 'Structure model' pdbx_struct_special_symmetry  
7 3 'Structure model' struct_conn                   
8 3 'Structure model' struct_ref_seq                
9 3 'Structure model' struct_site                   
# 
loop_
_pdbx_audit_revision_item.ordinal 
_pdbx_audit_revision_item.revision_ordinal 
_pdbx_audit_revision_item.data_content_type 
_pdbx_audit_revision_item.item 
1  3 'Structure model' '_database_2.pdbx_DOI'                        
2  3 'Structure model' '_database_2.pdbx_database_accession'         
3  3 'Structure model' '_pdbx_struct_conn_angle.ptnr1_auth_seq_id'   
4  3 'Structure model' '_pdbx_struct_conn_angle.ptnr1_label_seq_id'  
5  3 'Structure model' '_pdbx_struct_conn_angle.ptnr2_auth_seq_id'   
6  3 'Structure model' '_pdbx_struct_conn_angle.ptnr2_label_asym_id' 
7  3 'Structure model' '_pdbx_struct_conn_angle.ptnr3_auth_seq_id'   
8  3 'Structure model' '_pdbx_struct_conn_angle.ptnr3_label_seq_id'  
9  3 'Structure model' '_pdbx_struct_conn_angle.value'               
10 3 'Structure model' '_struct_conn.pdbx_dist_value'                
11 3 'Structure model' '_struct_conn.ptnr1_auth_comp_id'             
12 3 'Structure model' '_struct_conn.ptnr1_auth_seq_id'              
13 3 'Structure model' '_struct_conn.ptnr1_label_asym_id'            
14 3 'Structure model' '_struct_conn.ptnr1_label_atom_id'            
15 3 'Structure model' '_struct_conn.ptnr1_label_comp_id'            
16 3 'Structure model' '_struct_conn.ptnr1_label_seq_id'             
17 3 'Structure model' '_struct_conn.ptnr2_auth_comp_id'             
18 3 'Structure model' '_struct_conn.ptnr2_auth_seq_id'              
19 3 'Structure model' '_struct_conn.ptnr2_label_asym_id'            
20 3 'Structure model' '_struct_conn.ptnr2_label_atom_id'            
21 3 'Structure model' '_struct_conn.ptnr2_label_comp_id'            
22 3 'Structure model' '_struct_conn.ptnr2_label_seq_id'             
23 3 'Structure model' '_struct_ref_seq.db_align_beg'                
24 3 'Structure model' '_struct_ref_seq.db_align_end'                
25 3 'Structure model' '_struct_site.pdbx_auth_asym_id'              
26 3 'Structure model' '_struct_site.pdbx_auth_comp_id'              
27 3 'Structure model' '_struct_site.pdbx_auth_seq_id'               
# 
loop_
_software.name 
_software.classification 
_software.version 
_software.citation_id 
_software.pdbx_ordinal 
REFMAC refinement        5.2.0019 ? 1 
ADSC   'data collection' Quantum  ? 2 
d*TREK 'data reduction'  .        ? 3 
d*TREK 'data scaling'    .        ? 4 
PHASER phasing           .        ? 5 
# 
_pdbx_validate_close_contact.id               1 
_pdbx_validate_close_contact.PDB_model_num    1 
_pdbx_validate_close_contact.auth_atom_id_1   OP1 
_pdbx_validate_close_contact.auth_asym_id_1   A 
_pdbx_validate_close_contact.auth_comp_id_1   DT 
_pdbx_validate_close_contact.auth_seq_id_1    1006 
_pdbx_validate_close_contact.PDB_ins_code_1   ? 
_pdbx_validate_close_contact.label_alt_id_1   ? 
_pdbx_validate_close_contact.auth_atom_id_2   O 
_pdbx_validate_close_contact.auth_asym_id_2   A 
_pdbx_validate_close_contact.auth_comp_id_2   HOH 
_pdbx_validate_close_contact.auth_seq_id_2    1026 
_pdbx_validate_close_contact.PDB_ins_code_2   ? 
_pdbx_validate_close_contact.label_alt_id_2   ? 
_pdbx_validate_close_contact.dist             1.99 
# 
loop_
_pdbx_validate_rmsd_bond.id 
_pdbx_validate_rmsd_bond.PDB_model_num 
_pdbx_validate_rmsd_bond.auth_atom_id_1 
_pdbx_validate_rmsd_bond.auth_asym_id_1 
_pdbx_validate_rmsd_bond.auth_comp_id_1 
_pdbx_validate_rmsd_bond.auth_seq_id_1 
_pdbx_validate_rmsd_bond.PDB_ins_code_1 
_pdbx_validate_rmsd_bond.label_alt_id_1 
_pdbx_validate_rmsd_bond.auth_atom_id_2 
_pdbx_validate_rmsd_bond.auth_asym_id_2 
_pdbx_validate_rmsd_bond.auth_comp_id_2 
_pdbx_validate_rmsd_bond.auth_seq_id_2 
_pdbx_validate_rmsd_bond.PDB_ins_code_2 
_pdbx_validate_rmsd_bond.label_alt_id_2 
_pdbx_validate_rmsd_bond.bond_value 
_pdbx_validate_rmsd_bond.bond_target_value 
_pdbx_validate_rmsd_bond.bond_deviation 
_pdbx_validate_rmsd_bond.bond_standard_deviation 
_pdbx_validate_rmsd_bond.linker_flag 
1 1 C5    A DG 1003 ? ? C6    A DG 1003 ? ? 1.356 1.419 -0.063 0.010 N 
2 1 P     A DG 1004 ? ? "O5'" A DG 1004 ? ? 1.533 1.593 -0.060 0.010 N 
3 1 C4    A DG 1004 ? ? C5    A DG 1004 ? ? 1.336 1.379 -0.043 0.007 N 
4 1 C4    A DG 1005 ? ? C5    A DG 1005 ? ? 1.332 1.379 -0.047 0.007 N 
5 1 C6    A DG 1005 ? ? N1    A DG 1005 ? ? 1.332 1.391 -0.059 0.007 N 
6 1 C4    A DG 1009 ? ? C5    A DG 1009 ? ? 1.319 1.379 -0.060 0.007 N 
7 1 N7    A DG 1009 ? ? C8    A DG 1009 ? ? 1.267 1.305 -0.038 0.006 N 
8 1 "O3'" A DG 1011 ? ? "C3'" A DG 1011 ? ? 1.371 1.419 -0.048 0.006 N 
9 1 C6    A DG 1011 ? ? O6    A DG 1011 ? ? 1.294 1.237 0.057  0.009 N 
# 
loop_
_pdbx_validate_rmsd_angle.id 
_pdbx_validate_rmsd_angle.PDB_model_num 
_pdbx_validate_rmsd_angle.auth_atom_id_1 
_pdbx_validate_rmsd_angle.auth_asym_id_1 
_pdbx_validate_rmsd_angle.auth_comp_id_1 
_pdbx_validate_rmsd_angle.auth_seq_id_1 
_pdbx_validate_rmsd_angle.PDB_ins_code_1 
_pdbx_validate_rmsd_angle.label_alt_id_1 
_pdbx_validate_rmsd_angle.auth_atom_id_2 
_pdbx_validate_rmsd_angle.auth_asym_id_2 
_pdbx_validate_rmsd_angle.auth_comp_id_2 
_pdbx_validate_rmsd_angle.auth_seq_id_2 
_pdbx_validate_rmsd_angle.PDB_ins_code_2 
_pdbx_validate_rmsd_angle.label_alt_id_2 
_pdbx_validate_rmsd_angle.auth_atom_id_3 
_pdbx_validate_rmsd_angle.auth_asym_id_3 
_pdbx_validate_rmsd_angle.auth_comp_id_3 
_pdbx_validate_rmsd_angle.auth_seq_id_3 
_pdbx_validate_rmsd_angle.PDB_ins_code_3 
_pdbx_validate_rmsd_angle.label_alt_id_3 
_pdbx_validate_rmsd_angle.angle_value 
_pdbx_validate_rmsd_angle.angle_target_value 
_pdbx_validate_rmsd_angle.angle_deviation 
_pdbx_validate_rmsd_angle.angle_standard_deviation 
_pdbx_validate_rmsd_angle.linker_flag 
1  1 "O4'" A DA 1002 ? ? "C4'" A DA 1002 ? ? "C3'" A DA 1002 ? ? 100.87 104.50 -3.63 0.40 N 
2  1 "O4'" A DG 1003 ? ? "C1'" A DG 1003 ? ? "C2'" A DG 1003 ? ? 100.29 105.90 -5.61 0.80 N 
3  1 "O4'" A DG 1003 ? ? "C1'" A DG 1003 ? ? N9    A DG 1003 ? ? 116.56 108.30 8.26  0.30 N 
4  1 C2    A DG 1003 ? ? N3    A DG 1003 ? ? C4    A DG 1003 ? ? 115.21 111.90 3.31  0.50 N 
5  1 C4    A DG 1003 ? ? C5    A DG 1003 ? ? C6    A DG 1003 ? ? 114.86 118.80 -3.94 0.60 N 
6  1 C5    A DG 1003 ? ? C6    A DG 1003 ? ? N1    A DG 1003 ? ? 117.72 111.50 6.22  0.50 N 
7  1 C4    A DG 1003 ? ? C5    A DG 1003 ? ? N7    A DG 1003 ? ? 114.32 110.80 3.52  0.40 N 
8  1 C5    A DG 1003 ? ? N7    A DG 1003 ? ? C8    A DG 1003 ? ? 101.26 104.30 -3.04 0.50 N 
9  1 N1    A DG 1003 ? ? C6    A DG 1003 ? ? O6    A DG 1003 ? ? 113.08 119.90 -6.82 0.60 N 
10 1 N9    A DG 1004 ? ? "C1'" A DG 1004 ? ? "C2'" A DG 1004 ? ? 127.60 114.30 13.30 1.40 N 
11 1 "O4'" A DG 1004 ? ? "C1'" A DG 1004 ? ? N9    A DG 1004 ? ? 103.62 108.00 -4.38 0.70 N 
12 1 C5    A DG 1004 ? ? C6    A DG 1004 ? ? N1    A DG 1004 ? ? 116.63 111.50 5.13  0.50 N 
13 1 C4    A DG 1004 ? ? C5    A DG 1004 ? ? N7    A DG 1004 ? ? 114.82 110.80 4.02  0.40 N 
14 1 C5    A DG 1004 ? ? N7    A DG 1004 ? ? C8    A DG 1004 ? ? 100.74 104.30 -3.56 0.50 N 
15 1 C5    A DG 1004 ? ? C6    A DG 1004 ? ? O6    A DG 1004 ? ? 122.57 128.60 -6.03 0.60 N 
16 1 "O4'" A DG 1005 ? ? "C1'" A DG 1005 ? ? N9    A DG 1005 ? ? 119.87 108.30 11.57 0.30 N 
17 1 C6    A DG 1005 ? ? N1    A DG 1005 ? ? C2    A DG 1005 ? ? 120.14 125.10 -4.96 0.60 N 
18 1 N3    A DG 1005 ? ? C4    A DG 1005 ? ? C5    A DG 1005 ? ? 125.02 128.60 -3.58 0.50 N 
19 1 C5    A DG 1005 ? ? C6    A DG 1005 ? ? N1    A DG 1005 ? ? 115.92 111.50 4.42  0.50 N 
20 1 N3    A DG 1005 ? ? C4    A DG 1005 ? ? N9    A DG 1005 ? ? 130.50 126.00 4.50  0.60 N 
21 1 C5    A DG 1005 ? ? C6    A DG 1005 ? ? O6    A DG 1005 ? ? 121.17 128.60 -7.43 0.60 N 
22 1 "O4'" A DT 1006 ? ? "C1'" A DT 1006 ? ? N1    A DT 1006 ? ? 115.49 108.30 7.19  0.30 N 
23 1 C4    A DT 1006 ? ? C5    A DT 1006 ? ? C7    A DT 1006 ? ? 124.59 119.00 5.59  0.60 N 
24 1 C6    A DT 1006 ? ? C5    A DT 1006 ? ? C7    A DT 1006 ? ? 119.13 122.90 -3.77 0.60 N 
25 1 "O3'" A DT 1006 ? ? P     A DT 1007 ? ? OP1   A DT 1007 ? ? 120.06 110.50 9.56  1.10 Y 
26 1 "O5'" A DT 1007 ? ? "C5'" A DT 1007 ? ? "C4'" A DT 1007 ? ? 104.14 109.40 -5.26 0.80 N 
27 1 "C3'" A DT 1007 ? ? "C2'" A DT 1007 ? ? "C1'" A DT 1007 ? ? 97.18  102.40 -5.22 0.80 N 
28 1 "O4'" A DT 1007 ? ? "C1'" A DT 1007 ? ? N1    A DT 1007 ? ? 110.92 108.30 2.62  0.30 N 
29 1 C2    A DT 1007 ? ? N3    A DT 1007 ? ? C4    A DT 1007 ? ? 123.57 127.20 -3.63 0.60 N 
30 1 C2    A DG 1009 ? ? N3    A DG 1009 ? ? C4    A DG 1009 ? ? 115.49 111.90 3.59  0.50 N 
31 1 C4    A DG 1009 ? ? C5    A DG 1009 ? ? C6    A DG 1009 ? ? 114.27 118.80 -4.53 0.60 N 
32 1 C5    A DG 1009 ? ? C6    A DG 1009 ? ? N1    A DG 1009 ? ? 115.33 111.50 3.83  0.50 N 
33 1 N1    A DG 1009 ? ? C6    A DG 1009 ? ? O6    A DG 1009 ? ? 115.17 119.90 -4.73 0.60 N 
34 1 "O4'" A DG 1010 ? ? "C4'" A DG 1010 ? ? "C3'" A DG 1010 ? ? 102.04 104.50 -2.46 0.40 N 
35 1 "O4'" A DG 1010 ? ? "C1'" A DG 1010 ? ? N9    A DG 1010 ? ? 101.51 108.00 -6.49 0.70 N 
36 1 N9    A DG 1010 ? ? C4    A DG 1010 ? ? C5    A DG 1010 ? ? 102.65 105.40 -2.75 0.40 N 
37 1 N1    A DG 1010 ? ? C6    A DG 1010 ? ? O6    A DG 1010 ? ? 114.76 119.90 -5.14 0.60 N 
38 1 C5    A DG 1010 ? ? C6    A DG 1010 ? ? O6    A DG 1010 ? ? 132.73 128.60 4.13  0.60 N 
39 1 "O5'" A DG 1011 ? ? P     A DG 1011 ? ? OP2   A DG 1011 ? ? 99.72  105.70 -5.98 0.90 N 
40 1 "O4'" A DG 1011 ? ? "C1'" A DG 1011 ? ? N9    A DG 1011 ? ? 113.74 108.30 5.44  0.30 N 
41 1 C5    A DG 1011 ? ? C6    A DG 1011 ? ? N1    A DG 1011 ? ? 108.07 111.50 -3.43 0.50 N 
42 1 C5    A DG 1011 ? ? C6    A DG 1011 ? ? O6    A DG 1011 ? ? 133.50 128.60 4.90  0.60 N 
# 
loop_
_pdbx_unobs_or_zero_occ_atoms.id 
_pdbx_unobs_or_zero_occ_atoms.PDB_model_num 
_pdbx_unobs_or_zero_occ_atoms.polymer_flag 
_pdbx_unobs_or_zero_occ_atoms.occupancy_flag 
_pdbx_unobs_or_zero_occ_atoms.auth_asym_id 
_pdbx_unobs_or_zero_occ_atoms.auth_comp_id 
_pdbx_unobs_or_zero_occ_atoms.auth_seq_id 
_pdbx_unobs_or_zero_occ_atoms.PDB_ins_code 
_pdbx_unobs_or_zero_occ_atoms.auth_atom_id 
_pdbx_unobs_or_zero_occ_atoms.label_alt_id 
_pdbx_unobs_or_zero_occ_atoms.label_asym_id 
_pdbx_unobs_or_zero_occ_atoms.label_comp_id 
_pdbx_unobs_or_zero_occ_atoms.label_seq_id 
_pdbx_unobs_or_zero_occ_atoms.label_atom_id 
1  1 Y 1 A DT 1001 ? "O5'" ? A DT 1  "O5'" 
2  1 Y 1 A DT 1001 ? "C5'" ? A DT 1  "C5'" 
3  1 Y 1 A DT 1001 ? "C4'" ? A DT 1  "C4'" 
4  1 Y 1 A DT 1001 ? "O4'" ? A DT 1  "O4'" 
5  1 Y 1 A DT 1001 ? "C3'" ? A DT 1  "C3'" 
6  1 Y 1 A DT 1001 ? "C2'" ? A DT 1  "C2'" 
7  1 Y 1 A DT 1001 ? "C1'" ? A DT 1  "C1'" 
8  1 Y 1 A DT 1001 ? N1    ? A DT 1  N1    
9  1 Y 1 A DT 1001 ? C2    ? A DT 1  C2    
10 1 Y 1 A DT 1001 ? O2    ? A DT 1  O2    
11 1 Y 1 A DT 1001 ? N3    ? A DT 1  N3    
12 1 Y 1 A DT 1001 ? C4    ? A DT 1  C4    
13 1 Y 1 A DT 1001 ? O4    ? A DT 1  O4    
14 1 Y 1 A DT 1001 ? C5    ? A DT 1  C5    
15 1 Y 1 A DT 1001 ? C7    ? A DT 1  C7    
16 1 Y 1 A DT 1001 ? C6    ? A DT 1  C6    
17 1 Y 1 A DT 1012 ? "C5'" ? A DT 12 "C5'" 
18 1 Y 1 A DT 1012 ? "C4'" ? A DT 12 "C4'" 
19 1 Y 1 A DT 1012 ? "O4'" ? A DT 12 "O4'" 
20 1 Y 1 A DT 1012 ? "C3'" ? A DT 12 "C3'" 
21 1 Y 1 A DT 1012 ? "O3'" ? A DT 12 "O3'" 
22 1 Y 1 A DT 1012 ? "C2'" ? A DT 12 "C2'" 
23 1 Y 1 A DT 1012 ? "C1'" ? A DT 12 "C1'" 
24 1 Y 1 A DT 1012 ? N1    ? A DT 12 N1    
25 1 Y 1 A DT 1012 ? C2    ? A DT 12 C2    
26 1 Y 1 A DT 1012 ? O2    ? A DT 12 O2    
27 1 Y 1 A DT 1012 ? N3    ? A DT 12 N3    
28 1 Y 1 A DT 1012 ? C4    ? A DT 12 C4    
29 1 Y 1 A DT 1012 ? O4    ? A DT 12 O4    
30 1 Y 1 A DT 1012 ? C5    ? A DT 12 C5    
31 1 Y 1 A DT 1012 ? C7    ? A DT 12 C7    
32 1 Y 1 A DT 1012 ? C6    ? A DT 12 C6    
# 
loop_
_chem_comp_atom.comp_id 
_chem_comp_atom.atom_id 
_chem_comp_atom.type_symbol 
_chem_comp_atom.pdbx_aromatic_flag 
_chem_comp_atom.pdbx_stereo_config 
_chem_comp_atom.pdbx_ordinal 
DA  OP3    O  N N 1   
DA  P      P  N N 2   
DA  OP1    O  N N 3   
DA  OP2    O  N N 4   
DA  "O5'"  O  N N 5   
DA  "C5'"  C  N N 6   
DA  "C4'"  C  N R 7   
DA  "O4'"  O  N N 8   
DA  "C3'"  C  N S 9   
DA  "O3'"  O  N N 10  
DA  "C2'"  C  N N 11  
DA  "C1'"  C  N R 12  
DA  N9     N  Y N 13  
DA  C8     C  Y N 14  
DA  N7     N  Y N 15  
DA  C5     C  Y N 16  
DA  C6     C  Y N 17  
DA  N6     N  N N 18  
DA  N1     N  Y N 19  
DA  C2     C  Y N 20  
DA  N3     N  Y N 21  
DA  C4     C  Y N 22  
DA  HOP3   H  N N 23  
DA  HOP2   H  N N 24  
DA  "H5'"  H  N N 25  
DA  "H5''" H  N N 26  
DA  "H4'"  H  N N 27  
DA  "H3'"  H  N N 28  
DA  "HO3'" H  N N 29  
DA  "H2'"  H  N N 30  
DA  "H2''" H  N N 31  
DA  "H1'"  H  N N 32  
DA  H8     H  N N 33  
DA  H61    H  N N 34  
DA  H62    H  N N 35  
DA  H2     H  N N 36  
DG  OP3    O  N N 37  
DG  P      P  N N 38  
DG  OP1    O  N N 39  
DG  OP2    O  N N 40  
DG  "O5'"  O  N N 41  
DG  "C5'"  C  N N 42  
DG  "C4'"  C  N R 43  
DG  "O4'"  O  N N 44  
DG  "C3'"  C  N S 45  
DG  "O3'"  O  N N 46  
DG  "C2'"  C  N N 47  
DG  "C1'"  C  N R 48  
DG  N9     N  Y N 49  
DG  C8     C  Y N 50  
DG  N7     N  Y N 51  
DG  C5     C  Y N 52  
DG  C6     C  N N 53  
DG  O6     O  N N 54  
DG  N1     N  N N 55  
DG  C2     C  N N 56  
DG  N2     N  N N 57  
DG  N3     N  N N 58  
DG  C4     C  Y N 59  
DG  HOP3   H  N N 60  
DG  HOP2   H  N N 61  
DG  "H5'"  H  N N 62  
DG  "H5''" H  N N 63  
DG  "H4'"  H  N N 64  
DG  "H3'"  H  N N 65  
DG  "HO3'" H  N N 66  
DG  "H2'"  H  N N 67  
DG  "H2''" H  N N 68  
DG  "H1'"  H  N N 69  
DG  H8     H  N N 70  
DG  H1     H  N N 71  
DG  H21    H  N N 72  
DG  H22    H  N N 73  
DT  OP3    O  N N 74  
DT  P      P  N N 75  
DT  OP1    O  N N 76  
DT  OP2    O  N N 77  
DT  "O5'"  O  N N 78  
DT  "C5'"  C  N N 79  
DT  "C4'"  C  N R 80  
DT  "O4'"  O  N N 81  
DT  "C3'"  C  N S 82  
DT  "O3'"  O  N N 83  
DT  "C2'"  C  N N 84  
DT  "C1'"  C  N R 85  
DT  N1     N  N N 86  
DT  C2     C  N N 87  
DT  O2     O  N N 88  
DT  N3     N  N N 89  
DT  C4     C  N N 90  
DT  O4     O  N N 91  
DT  C5     C  N N 92  
DT  C7     C  N N 93  
DT  C6     C  N N 94  
DT  HOP3   H  N N 95  
DT  HOP2   H  N N 96  
DT  "H5'"  H  N N 97  
DT  "H5''" H  N N 98  
DT  "H4'"  H  N N 99  
DT  "H3'"  H  N N 100 
DT  "HO3'" H  N N 101 
DT  "H2'"  H  N N 102 
DT  "H2''" H  N N 103 
DT  "H1'"  H  N N 104 
DT  H3     H  N N 105 
DT  H71    H  N N 106 
DT  H72    H  N N 107 
DT  H73    H  N N 108 
DT  H6     H  N N 109 
HOH O      O  N N 110 
HOH H1     H  N N 111 
HOH H2     H  N N 112 
K   K      K  N N 113 
NA  NA     NA N N 114 
NII O6     O  N N 115 
NII C30    C  N N 116 
NII C29    C  N N 117 
NII C28    C  N N 118 
NII N3     N  N N 119 
NII C9     C  Y N 120 
NII C8     C  Y N 121 
NII C7     C  Y N 122 
NII C14    C  N N 123 
NII O1     O  N N 124 
NII N2     N  N N 125 
NII C18    C  N N 126 
NII C19    C  N N 127 
NII C20    C  N N 128 
NII N5     N  N N 129 
NII C24    C  N N 130 
NII C23    C  N N 131 
NII C13    C  N N 132 
NII O4     O  N N 133 
NII C10    C  Y N 134 
NII C11    C  N N 135 
NII O2     O  N N 136 
NII N1     N  N N 137 
NII C15    C  N N 138 
NII C16    C  N N 139 
NII C17    C  N N 140 
NII N4     N  N N 141 
NII C21    C  N N 142 
NII C22    C  N N 143 
NII C5     C  Y N 144 
NII C6     C  Y N 145 
NII C12    C  N N 146 
NII O3     O  N N 147 
NII C4     C  Y N 148 
NII C3     C  Y N 149 
NII C2     C  Y N 150 
NII C1     C  Y N 151 
NII N6     N  N N 152 
NII C25    C  N N 153 
NII C26    C  N N 154 
NII C27    C  N N 155 
NII O5     O  N N 156 
NII HO6    H  N N 157 
NII H30    H  N N 158 
NII H30A   H  N N 159 
NII H29    H  N N 160 
NII H29A   H  N N 161 
NII H28    H  N N 162 
NII H28A   H  N N 163 
NII HN3    H  N N 164 
NII H8     H  N N 165 
NII H18    H  N N 166 
NII H18A   H  N N 167 
NII H19    H  N N 168 
NII H19A   H  N N 169 
NII H20    H  N N 170 
NII H20A   H  N N 171 
NII H24    H  N N 172 
NII H24A   H  N N 173 
NII H24B   H  N N 174 
NII H23    H  N N 175 
NII H23A   H  N N 176 
NII H23B   H  N N 177 
NII H15    H  N N 178 
NII H15A   H  N N 179 
NII H16    H  N N 180 
NII H16A   H  N N 181 
NII H17    H  N N 182 
NII H17A   H  N N 183 
NII H21    H  N N 184 
NII H21A   H  N N 185 
NII H21B   H  N N 186 
NII H22    H  N N 187 
NII H22A   H  N N 188 
NII H22B   H  N N 189 
NII H1     H  N N 190 
NII HN6    H  N N 191 
NII H25    H  N N 192 
NII H25A   H  N N 193 
NII H26    H  N N 194 
NII H26A   H  N N 195 
NII H27    H  N N 196 
NII H27A   H  N N 197 
NII HO5    H  N N 198 
# 
loop_
_chem_comp_bond.comp_id 
_chem_comp_bond.atom_id_1 
_chem_comp_bond.atom_id_2 
_chem_comp_bond.value_order 
_chem_comp_bond.pdbx_aromatic_flag 
_chem_comp_bond.pdbx_stereo_config 
_chem_comp_bond.pdbx_ordinal 
DA  OP3   P      sing N N 1   
DA  OP3   HOP3   sing N N 2   
DA  P     OP1    doub N N 3   
DA  P     OP2    sing N N 4   
DA  P     "O5'"  sing N N 5   
DA  OP2   HOP2   sing N N 6   
DA  "O5'" "C5'"  sing N N 7   
DA  "C5'" "C4'"  sing N N 8   
DA  "C5'" "H5'"  sing N N 9   
DA  "C5'" "H5''" sing N N 10  
DA  "C4'" "O4'"  sing N N 11  
DA  "C4'" "C3'"  sing N N 12  
DA  "C4'" "H4'"  sing N N 13  
DA  "O4'" "C1'"  sing N N 14  
DA  "C3'" "O3'"  sing N N 15  
DA  "C3'" "C2'"  sing N N 16  
DA  "C3'" "H3'"  sing N N 17  
DA  "O3'" "HO3'" sing N N 18  
DA  "C2'" "C1'"  sing N N 19  
DA  "C2'" "H2'"  sing N N 20  
DA  "C2'" "H2''" sing N N 21  
DA  "C1'" N9     sing N N 22  
DA  "C1'" "H1'"  sing N N 23  
DA  N9    C8     sing Y N 24  
DA  N9    C4     sing Y N 25  
DA  C8    N7     doub Y N 26  
DA  C8    H8     sing N N 27  
DA  N7    C5     sing Y N 28  
DA  C5    C6     sing Y N 29  
DA  C5    C4     doub Y N 30  
DA  C6    N6     sing N N 31  
DA  C6    N1     doub Y N 32  
DA  N6    H61    sing N N 33  
DA  N6    H62    sing N N 34  
DA  N1    C2     sing Y N 35  
DA  C2    N3     doub Y N 36  
DA  C2    H2     sing N N 37  
DA  N3    C4     sing Y N 38  
DG  OP3   P      sing N N 39  
DG  OP3   HOP3   sing N N 40  
DG  P     OP1    doub N N 41  
DG  P     OP2    sing N N 42  
DG  P     "O5'"  sing N N 43  
DG  OP2   HOP2   sing N N 44  
DG  "O5'" "C5'"  sing N N 45  
DG  "C5'" "C4'"  sing N N 46  
DG  "C5'" "H5'"  sing N N 47  
DG  "C5'" "H5''" sing N N 48  
DG  "C4'" "O4'"  sing N N 49  
DG  "C4'" "C3'"  sing N N 50  
DG  "C4'" "H4'"  sing N N 51  
DG  "O4'" "C1'"  sing N N 52  
DG  "C3'" "O3'"  sing N N 53  
DG  "C3'" "C2'"  sing N N 54  
DG  "C3'" "H3'"  sing N N 55  
DG  "O3'" "HO3'" sing N N 56  
DG  "C2'" "C1'"  sing N N 57  
DG  "C2'" "H2'"  sing N N 58  
DG  "C2'" "H2''" sing N N 59  
DG  "C1'" N9     sing N N 60  
DG  "C1'" "H1'"  sing N N 61  
DG  N9    C8     sing Y N 62  
DG  N9    C4     sing Y N 63  
DG  C8    N7     doub Y N 64  
DG  C8    H8     sing N N 65  
DG  N7    C5     sing Y N 66  
DG  C5    C6     sing N N 67  
DG  C5    C4     doub Y N 68  
DG  C6    O6     doub N N 69  
DG  C6    N1     sing N N 70  
DG  N1    C2     sing N N 71  
DG  N1    H1     sing N N 72  
DG  C2    N2     sing N N 73  
DG  C2    N3     doub N N 74  
DG  N2    H21    sing N N 75  
DG  N2    H22    sing N N 76  
DG  N3    C4     sing N N 77  
DT  OP3   P      sing N N 78  
DT  OP3   HOP3   sing N N 79  
DT  P     OP1    doub N N 80  
DT  P     OP2    sing N N 81  
DT  P     "O5'"  sing N N 82  
DT  OP2   HOP2   sing N N 83  
DT  "O5'" "C5'"  sing N N 84  
DT  "C5'" "C4'"  sing N N 85  
DT  "C5'" "H5'"  sing N N 86  
DT  "C5'" "H5''" sing N N 87  
DT  "C4'" "O4'"  sing N N 88  
DT  "C4'" "C3'"  sing N N 89  
DT  "C4'" "H4'"  sing N N 90  
DT  "O4'" "C1'"  sing N N 91  
DT  "C3'" "O3'"  sing N N 92  
DT  "C3'" "C2'"  sing N N 93  
DT  "C3'" "H3'"  sing N N 94  
DT  "O3'" "HO3'" sing N N 95  
DT  "C2'" "C1'"  sing N N 96  
DT  "C2'" "H2'"  sing N N 97  
DT  "C2'" "H2''" sing N N 98  
DT  "C1'" N1     sing N N 99  
DT  "C1'" "H1'"  sing N N 100 
DT  N1    C2     sing N N 101 
DT  N1    C6     sing N N 102 
DT  C2    O2     doub N N 103 
DT  C2    N3     sing N N 104 
DT  N3    C4     sing N N 105 
DT  N3    H3     sing N N 106 
DT  C4    O4     doub N N 107 
DT  C4    C5     sing N N 108 
DT  C5    C7     sing N N 109 
DT  C5    C6     doub N N 110 
DT  C7    H71    sing N N 111 
DT  C7    H72    sing N N 112 
DT  C7    H73    sing N N 113 
DT  C6    H6     sing N N 114 
HOH O     H1     sing N N 115 
HOH O     H2     sing N N 116 
NII O6    C30    sing N N 117 
NII C30   C29    sing N N 118 
NII C29   C28    sing N N 119 
NII C28   N3     sing N N 120 
NII N3    C9     sing N N 121 
NII C9    C8     sing Y N 122 
NII C9    C10    doub Y N 123 
NII C8    C7     doub Y N 124 
NII C7    C14    sing N N 125 
NII C7    C4     sing Y N 126 
NII C14   O1     doub N N 127 
NII C14   N2     sing N N 128 
NII N2    C18    sing N N 129 
NII N2    C13    sing N N 130 
NII C18   C19    sing N N 131 
NII C19   C20    sing N N 132 
NII C20   N5     sing N N 133 
NII N5    C24    sing N N 134 
NII N5    C23    sing N N 135 
NII C13   O4     doub N N 136 
NII C13   C3     sing N N 137 
NII C10   C11    sing N N 138 
NII C10   C5     sing Y N 139 
NII C11   O2     doub N N 140 
NII C11   N1     sing N N 141 
NII N1    C15    sing N N 142 
NII N1    C12    sing N N 143 
NII C15   C16    sing N N 144 
NII C16   C17    sing N N 145 
NII C17   N4     sing N N 146 
NII N4    C21    sing N N 147 
NII N4    C22    sing N N 148 
NII C5    C6     doub Y N 149 
NII C5    C4     sing Y N 150 
NII C6    C12    sing N N 151 
NII C6    C1     sing Y N 152 
NII C12   O3     doub N N 153 
NII C4    C3     doub Y N 154 
NII C3    C2     sing Y N 155 
NII C2    C1     doub Y N 156 
NII C2    N6     sing N N 157 
NII N6    C25    sing N N 158 
NII C25   C26    sing N N 159 
NII C26   C27    sing N N 160 
NII C27   O5     sing N N 161 
NII O6    HO6    sing N N 162 
NII C30   H30    sing N N 163 
NII C30   H30A   sing N N 164 
NII C29   H29    sing N N 165 
NII C29   H29A   sing N N 166 
NII C28   H28    sing N N 167 
NII C28   H28A   sing N N 168 
NII N3    HN3    sing N N 169 
NII C8    H8     sing N N 170 
NII C18   H18    sing N N 171 
NII C18   H18A   sing N N 172 
NII C19   H19    sing N N 173 
NII C19   H19A   sing N N 174 
NII C20   H20    sing N N 175 
NII C20   H20A   sing N N 176 
NII C24   H24    sing N N 177 
NII C24   H24A   sing N N 178 
NII C24   H24B   sing N N 179 
NII C23   H23    sing N N 180 
NII C23   H23A   sing N N 181 
NII C23   H23B   sing N N 182 
NII C15   H15    sing N N 183 
NII C15   H15A   sing N N 184 
NII C16   H16    sing N N 185 
NII C16   H16A   sing N N 186 
NII C17   H17    sing N N 187 
NII C17   H17A   sing N N 188 
NII C21   H21    sing N N 189 
NII C21   H21A   sing N N 190 
NII C21   H21B   sing N N 191 
NII C22   H22    sing N N 192 
NII C22   H22A   sing N N 193 
NII C22   H22B   sing N N 194 
NII C1    H1     sing N N 195 
NII N6    HN6    sing N N 196 
NII C25   H25    sing N N 197 
NII C25   H25A   sing N N 198 
NII C26   H26    sing N N 199 
NII C26   H26A   sing N N 200 
NII C27   H27    sing N N 201 
NII C27   H27A   sing N N 202 
NII O5    HO5    sing N N 203 
# 
loop_
_ndb_struct_conf_na.entry_id 
_ndb_struct_conf_na.feature 
3CCO 'double helix'         
3CCO 'parallel strands'     
3CCO 'mismatched base pair' 
# 
loop_
_ndb_struct_na_base_pair.model_number 
_ndb_struct_na_base_pair.i_label_asym_id 
_ndb_struct_na_base_pair.i_label_comp_id 
_ndb_struct_na_base_pair.i_label_seq_id 
_ndb_struct_na_base_pair.i_symmetry 
_ndb_struct_na_base_pair.j_label_asym_id 
_ndb_struct_na_base_pair.j_label_comp_id 
_ndb_struct_na_base_pair.j_label_seq_id 
_ndb_struct_na_base_pair.j_symmetry 
_ndb_struct_na_base_pair.shear 
_ndb_struct_na_base_pair.stretch 
_ndb_struct_na_base_pair.stagger 
_ndb_struct_na_base_pair.buckle 
_ndb_struct_na_base_pair.propeller 
_ndb_struct_na_base_pair.opening 
_ndb_struct_na_base_pair.pair_number 
_ndb_struct_na_base_pair.pair_name 
_ndb_struct_na_base_pair.i_auth_asym_id 
_ndb_struct_na_base_pair.i_auth_seq_id 
_ndb_struct_na_base_pair.i_PDB_ins_code 
_ndb_struct_na_base_pair.j_auth_asym_id 
_ndb_struct_na_base_pair.j_auth_seq_id 
_ndb_struct_na_base_pair.j_PDB_ins_code 
_ndb_struct_na_base_pair.hbond_type_28 
_ndb_struct_na_base_pair.hbond_type_12 
1 A DG 3 1_555 A DG 9  1_555 1.522 3.394 -0.550 13.058 -0.300  -92.575 1 A_DG1003:DG1009_A A 1003 ? A 1009 ? 6 ? 
1 A DG 4 1_555 A DG 10 1_555 1.855 3.201 -0.199 5.372  -6.757  -91.427 2 A_DG1004:DG1010_A A 1004 ? A 1010 ? 6 ? 
1 A DG 5 1_555 A DG 11 1_555 1.688 3.266 -0.280 11.220 -20.117 -91.436 3 A_DG1005:DG1011_A A 1005 ? A 1011 ? 6 ? 
# 
loop_
_ndb_struct_na_base_pair_step.model_number 
_ndb_struct_na_base_pair_step.i_label_asym_id_1 
_ndb_struct_na_base_pair_step.i_label_comp_id_1 
_ndb_struct_na_base_pair_step.i_label_seq_id_1 
_ndb_struct_na_base_pair_step.i_symmetry_1 
_ndb_struct_na_base_pair_step.j_label_asym_id_1 
_ndb_struct_na_base_pair_step.j_label_comp_id_1 
_ndb_struct_na_base_pair_step.j_label_seq_id_1 
_ndb_struct_na_base_pair_step.j_symmetry_1 
_ndb_struct_na_base_pair_step.i_label_asym_id_2 
_ndb_struct_na_base_pair_step.i_label_comp_id_2 
_ndb_struct_na_base_pair_step.i_label_seq_id_2 
_ndb_struct_na_base_pair_step.i_symmetry_2 
_ndb_struct_na_base_pair_step.j_label_asym_id_2 
_ndb_struct_na_base_pair_step.j_label_comp_id_2 
_ndb_struct_na_base_pair_step.j_label_seq_id_2 
_ndb_struct_na_base_pair_step.j_symmetry_2 
_ndb_struct_na_base_pair_step.shift 
_ndb_struct_na_base_pair_step.slide 
_ndb_struct_na_base_pair_step.rise 
_ndb_struct_na_base_pair_step.tilt 
_ndb_struct_na_base_pair_step.roll 
_ndb_struct_na_base_pair_step.twist 
_ndb_struct_na_base_pair_step.x_displacement 
_ndb_struct_na_base_pair_step.y_displacement 
_ndb_struct_na_base_pair_step.helical_rise 
_ndb_struct_na_base_pair_step.inclination 
_ndb_struct_na_base_pair_step.tip 
_ndb_struct_na_base_pair_step.helical_twist 
_ndb_struct_na_base_pair_step.step_number 
_ndb_struct_na_base_pair_step.step_name 
_ndb_struct_na_base_pair_step.i_auth_asym_id_1 
_ndb_struct_na_base_pair_step.i_auth_seq_id_1 
_ndb_struct_na_base_pair_step.i_PDB_ins_code_1 
_ndb_struct_na_base_pair_step.j_auth_asym_id_1 
_ndb_struct_na_base_pair_step.j_auth_seq_id_1 
_ndb_struct_na_base_pair_step.j_PDB_ins_code_1 
_ndb_struct_na_base_pair_step.i_auth_asym_id_2 
_ndb_struct_na_base_pair_step.i_auth_seq_id_2 
_ndb_struct_na_base_pair_step.i_PDB_ins_code_2 
_ndb_struct_na_base_pair_step.j_auth_asym_id_2 
_ndb_struct_na_base_pair_step.j_auth_seq_id_2 
_ndb_struct_na_base_pair_step.j_PDB_ins_code_2 
1 A DG 3 1_555 A DG 9  1_555 A DG 4 1_555 A DG 10 1_555 -0.196 -1.127 3.381 -1.400 1.353 36.516 -1.988 0.114 3.343 2.157  2.232   
36.566 1 AA_DG1003DG1004:DG1010DG1009_AA A 1003 ? A 1009 ? A 1004 ? A 1010 ? 
1 A DG 4 1_555 A DG 10 1_555 A DG 5 1_555 A DG 11 1_555 -0.329 -0.548 3.032 6.705  8.483 19.112 -4.327 3.147 2.336 23.290 -18.409 
21.934 2 AA_DG1004DG1005:DG1011DG1010_AA A 1004 ? A 1010 ? A 1005 ? A 1011 ? 
# 
loop_
_pdbx_entity_nonpoly.entity_id 
_pdbx_entity_nonpoly.name 
_pdbx_entity_nonpoly.comp_id 
2 'SODIUM ION'                                                                                                           NA  
3 'POTASSIUM ION'                                                                                                        K   
4 '2,7-bis[3-(dimethylamino)propyl]-4,9-bis[(3-hydroxypropyl)amino]benzo[lmn][3,8]phenanthroline-1,3,6,8(2H,7H)-tetrone' NII 
5 water                                                                                                                  HOH 
# 
_pdbx_initial_refinement_model.id               1 
_pdbx_initial_refinement_model.entity_id_list   ? 
_pdbx_initial_refinement_model.type             'experimental model' 
_pdbx_initial_refinement_model.source_name      PDB 
_pdbx_initial_refinement_model.accession_code   1KF1 
_pdbx_initial_refinement_model.details          'PDB ENTRY 1KF1' 
# 
